data_8ESG
#
_entry.id   8ESG
#
_cell.length_a   157.362
_cell.length_b   157.362
_cell.length_c   140.718
_cell.angle_alpha   90.000
_cell.angle_beta   90.000
_cell.angle_gamma   120.000
#
_symmetry.space_group_name_H-M   'P 61 2 2'
#
loop_
_entity.id
_entity.type
_entity.pdbx_description
1 polymer 'Choloylglycine hydrolase'
2 non-polymer '(1R,3aS,3bR,5aR,7R,9aS,9bS,11aR)-1-[(2R)-6-fluoro-5-oxohexan-2-yl]-9a,11a-dimethylhexadecahydro-1H-cyclopenta[a]phenanthren-7-yl hydrogen sulfate (non-preferred name)'
#
_entity_poly.entity_id   1
_entity_poly.type   'polypeptide(L)'
_entity_poly.pdbx_seq_one_letter_code
;MCTSILYSPKDHYFGRNLDYEIAYGQKVVITPRNYEFKFANLPAEKSHYAMIGIAAVANNTPLYCDAINEKGLGVAGLSF
AGQGKYFPVVEDKKNIASFEFISYILATYETVDQVKENLTDVNISDVSFSKNTPASELHWLVGDKTGKSIVVESDEKGLH
VYDNPVNALTNAPLFPQQLTNLANYAAVVPGQPNNDFLPGVDLKMYSRSLGTHHLPGGMDSESRFVKVCFALNHAPKDSD
EVESVTNFFHILQSVEQVKGMDEVGPNIFEYTMYTSCMNLEKGILYFNCYDDSRISAVDMNKEDLSSSDLIVFDLFKKQD
ISFINHHHHHH
;
_entity_poly.pdbx_strand_id   A,H
#
# COMPACT_ATOMS: atom_id res chain seq x y z
N CYS A 2 4.14 -5.11 16.96
CA CYS A 2 3.11 -4.95 17.99
C CYS A 2 1.72 -5.00 17.38
N THR A 3 0.72 -5.29 18.21
CA THR A 3 -0.65 -5.42 17.75
C THR A 3 -1.59 -4.91 18.82
N SER A 4 -2.34 -3.85 18.51
CA SER A 4 -3.30 -3.28 19.43
C SER A 4 -4.70 -3.38 18.82
N ILE A 5 -5.70 -3.65 19.68
CA ILE A 5 -7.07 -3.87 19.24
C ILE A 5 -8.03 -3.16 20.20
N LEU A 6 -9.24 -2.92 19.69
CA LEU A 6 -10.37 -2.47 20.50
C LEU A 6 -11.50 -3.47 20.32
N TYR A 7 -11.89 -4.13 21.41
CA TYR A 7 -12.81 -5.25 21.38
C TYR A 7 -14.06 -4.90 22.17
N SER A 8 -15.23 -5.04 21.53
CA SER A 8 -16.50 -4.61 22.12
C SER A 8 -17.53 -5.73 22.04
N PRO A 9 -17.38 -6.79 22.85
CA PRO A 9 -18.44 -7.80 22.88
C PRO A 9 -19.68 -7.34 23.60
N LYS A 10 -19.52 -6.66 24.74
CA LYS A 10 -20.60 -6.03 25.47
C LYS A 10 -20.03 -4.84 26.21
N ASP A 11 -19.11 -5.12 27.14
CA ASP A 11 -18.19 -4.10 27.61
C ASP A 11 -17.14 -3.83 26.53
N HIS A 12 -16.31 -2.81 26.76
CA HIS A 12 -15.31 -2.40 25.78
C HIS A 12 -13.92 -2.62 26.36
N TYR A 13 -13.05 -3.27 25.57
CA TYR A 13 -11.74 -3.68 26.03
C TYR A 13 -10.68 -3.16 25.07
N PHE A 14 -9.58 -2.66 25.63
CA PHE A 14 -8.53 -2.01 24.88
C PHE A 14 -7.18 -2.51 25.39
N GLY A 15 -6.35 -3.01 24.47
CA GLY A 15 -5.06 -3.54 24.85
C GLY A 15 -4.14 -3.69 23.66
N ARG A 16 -3.02 -4.36 23.89
CA ARG A 16 -2.03 -4.54 22.84
C ARG A 16 -1.06 -5.66 23.21
N ASN A 17 -0.44 -6.22 22.17
CA ASN A 17 0.76 -7.02 22.32
C ASN A 17 1.97 -6.12 22.17
N LEU A 18 2.97 -6.33 23.02
CA LEU A 18 4.23 -5.62 22.91
C LEU A 18 5.30 -6.63 22.48
N ASP A 19 5.64 -6.59 21.20
CA ASP A 19 6.60 -7.52 20.61
C ASP A 19 7.93 -6.81 20.43
N TYR A 20 8.92 -7.14 21.26
CA TYR A 20 10.23 -6.52 21.16
C TYR A 20 11.29 -7.51 21.61
N GLU A 21 12.55 -7.06 21.57
CA GLU A 21 13.69 -7.90 21.89
C GLU A 21 14.34 -7.58 23.22
N ILE A 22 14.03 -6.42 23.82
CA ILE A 22 14.63 -6.01 25.09
C ILE A 22 13.58 -5.25 25.89
N ALA A 23 13.54 -5.52 27.19
CA ALA A 23 12.59 -4.85 28.07
C ALA A 23 13.12 -3.48 28.49
N TYR A 24 12.20 -2.65 28.97
CA TYR A 24 12.52 -1.29 29.40
C TYR A 24 12.13 -1.03 30.85
N GLY A 25 11.96 -2.09 31.64
CA GLY A 25 11.52 -1.94 33.01
C GLY A 25 10.08 -1.46 33.10
N GLN A 26 9.20 -2.07 32.30
CA GLN A 26 7.81 -1.68 32.29
C GLN A 26 7.07 -2.26 33.48
N LYS A 27 6.05 -1.53 33.94
CA LYS A 27 5.28 -1.94 35.12
C LYS A 27 3.87 -1.41 35.00
N VAL A 28 2.98 -1.99 35.80
CA VAL A 28 1.59 -1.53 35.89
C VAL A 28 1.56 -0.33 36.83
N VAL A 29 1.34 0.87 36.29
CA VAL A 29 1.31 2.09 37.08
C VAL A 29 -0.04 2.76 36.93
N ILE A 30 -0.55 3.30 38.04
CA ILE A 30 -1.77 4.09 38.06
C ILE A 30 -1.36 5.53 38.35
N THR A 31 -1.82 6.46 37.51
CA THR A 31 -1.51 7.87 37.69
C THR A 31 -2.74 8.58 38.24
N PRO A 32 -2.78 8.90 39.54
CA PRO A 32 -3.96 9.54 40.13
C PRO A 32 -4.24 10.90 39.50
N ARG A 33 -5.41 11.46 39.85
CA ARG A 33 -5.86 12.71 39.26
C ARG A 33 -4.99 13.90 39.64
N ASN A 34 -4.26 13.82 40.75
CA ASN A 34 -3.48 14.96 41.24
C ASN A 34 -1.97 14.75 41.10
N TYR A 35 -1.54 13.77 40.32
CA TYR A 35 -0.16 13.74 39.89
C TYR A 35 0.05 14.87 38.89
N GLU A 36 0.99 15.78 39.19
CA GLU A 36 1.19 16.96 38.35
C GLU A 36 1.96 16.56 37.10
N PHE A 37 1.29 16.65 35.95
CA PHE A 37 1.96 16.44 34.66
C PHE A 37 2.68 17.71 34.25
N LYS A 38 3.92 17.56 33.76
CA LYS A 38 4.71 18.66 33.26
C LYS A 38 5.10 18.36 31.82
N PHE A 39 4.65 19.19 30.89
CA PHE A 39 4.86 18.97 29.47
C PHE A 39 5.90 19.95 28.93
N ALA A 40 6.55 19.56 27.84
CA ALA A 40 7.68 20.33 27.31
C ALA A 40 7.22 21.69 26.79
N ASN A 41 6.28 21.70 25.85
CA ASN A 41 5.79 22.93 25.24
C ASN A 41 4.29 23.09 25.43
N LEU A 42 3.75 22.56 26.52
CA LEU A 42 2.34 22.65 26.84
C LEU A 42 2.17 22.97 28.32
N PRO A 43 1.09 23.67 28.69
CA PRO A 43 0.88 24.01 30.09
C PRO A 43 0.74 22.77 30.96
N ALA A 44 1.17 22.90 32.22
CA ALA A 44 1.10 21.79 33.16
C ALA A 44 -0.35 21.47 33.52
N GLU A 45 -0.56 20.26 34.02
CA GLU A 45 -1.88 19.76 34.39
C GLU A 45 -1.79 19.19 35.81
N LYS A 46 -2.08 20.02 36.81
CA LYS A 46 -2.09 19.56 38.19
C LYS A 46 -3.37 18.80 38.55
N SER A 47 -4.43 18.98 37.77
CA SER A 47 -5.69 18.28 37.99
C SER A 47 -6.16 17.72 36.66
N HIS A 48 -6.35 16.41 36.59
CA HIS A 48 -6.69 15.75 35.34
C HIS A 48 -7.41 14.44 35.68
N TYR A 49 -7.72 13.67 34.64
CA TYR A 49 -8.34 12.36 34.85
C TYR A 49 -7.30 11.35 35.32
N ALA A 50 -7.75 10.40 36.14
CA ALA A 50 -6.88 9.30 36.52
C ALA A 50 -6.71 8.35 35.33
N MET A 51 -5.68 7.51 35.42
CA MET A 51 -5.40 6.59 34.33
C MET A 51 -4.58 5.41 34.84
N ILE A 52 -4.72 4.28 34.16
CA ILE A 52 -3.98 3.05 34.47
C ILE A 52 -3.47 2.46 33.16
N GLY A 53 -2.26 1.93 33.20
CA GLY A 53 -1.67 1.35 32.00
C GLY A 53 -0.26 0.86 32.28
N ILE A 54 0.34 0.30 31.23
CA ILE A 54 1.71 -0.19 31.29
C ILE A 54 2.65 0.95 30.98
N ALA A 55 3.64 1.16 31.87
CA ALA A 55 4.58 2.25 31.68
C ALA A 55 5.92 1.88 32.28
N ALA A 56 6.96 2.55 31.80
CA ALA A 56 8.30 2.46 32.36
C ALA A 56 8.53 3.67 33.25
N VAL A 57 8.72 3.43 34.54
CA VAL A 57 8.87 4.51 35.51
C VAL A 57 10.29 5.07 35.41
N ALA A 58 10.40 6.32 34.97
CA ALA A 58 11.68 7.00 34.83
C ALA A 58 11.76 8.09 35.90
N ASN A 59 12.14 7.68 37.12
CA ASN A 59 12.27 8.56 38.26
C ASN A 59 11.00 9.38 38.48
N ASN A 60 9.98 8.76 39.08
CA ASN A 60 8.72 9.37 39.47
C ASN A 60 7.89 9.86 38.28
N THR A 61 8.30 9.60 37.04
CA THR A 61 7.56 10.05 35.87
C THR A 61 7.13 8.85 35.04
N PRO A 62 5.84 8.72 34.73
CA PRO A 62 5.39 7.56 33.95
C PRO A 62 5.47 7.79 32.44
N LEU A 63 6.19 6.91 31.74
CA LEU A 63 6.29 6.93 30.29
C LEU A 63 5.45 5.76 29.77
N TYR A 64 4.22 6.06 29.38
CA TYR A 64 3.23 5.03 29.10
C TYR A 64 3.45 4.40 27.73
N CYS A 65 3.20 3.09 27.64
CA CYS A 65 3.12 2.38 26.38
C CYS A 65 1.69 2.22 25.90
N ASP A 66 0.76 1.95 26.82
CA ASP A 66 -0.65 1.84 26.52
C ASP A 66 -1.42 2.01 27.82
N ALA A 67 -2.47 2.82 27.80
CA ALA A 67 -3.20 3.12 29.03
C ALA A 67 -4.63 3.53 28.69
N ILE A 68 -5.47 3.55 29.72
CA ILE A 68 -6.83 4.05 29.65
C ILE A 68 -7.09 4.94 30.85
N ASN A 69 -8.09 5.81 30.73
CA ASN A 69 -8.48 6.69 31.82
C ASN A 69 -9.78 6.23 32.44
N GLU A 70 -10.24 6.99 33.45
CA GLU A 70 -11.51 6.66 34.11
C GLU A 70 -12.72 6.97 33.24
N LYS A 71 -12.58 7.88 32.27
CA LYS A 71 -13.69 8.27 31.41
C LYS A 71 -13.92 7.30 30.26
N GLY A 72 -13.19 6.20 30.20
CA GLY A 72 -13.38 5.22 29.15
C GLY A 72 -12.63 5.46 27.87
N LEU A 73 -11.61 6.32 27.89
CA LEU A 73 -10.77 6.57 26.73
C LEU A 73 -9.52 5.71 26.82
N GLY A 74 -8.97 5.35 25.66
CA GLY A 74 -7.78 4.52 25.63
C GLY A 74 -6.82 4.85 24.50
N VAL A 75 -5.53 4.89 24.80
CA VAL A 75 -4.49 5.17 23.82
C VAL A 75 -3.40 4.12 23.94
N ALA A 76 -2.83 3.73 22.81
CA ALA A 76 -1.74 2.77 22.78
C ALA A 76 -0.71 3.21 21.73
N GLY A 77 0.56 3.13 22.10
CA GLY A 77 1.64 3.55 21.23
C GLY A 77 2.36 2.36 20.63
N LEU A 78 2.54 2.42 19.31
CA LEU A 78 3.20 1.36 18.55
C LEU A 78 4.29 1.98 17.69
N SER A 79 5.32 1.19 17.39
CA SER A 79 6.44 1.70 16.61
C SER A 79 6.01 1.98 15.18
N PHE A 80 6.60 3.04 14.61
CA PHE A 80 6.33 3.48 13.26
C PHE A 80 7.62 3.70 12.49
N ALA A 81 8.63 2.89 12.78
CA ALA A 81 9.97 3.11 12.24
C ALA A 81 9.97 3.08 10.71
N GLY A 82 10.76 3.97 10.12
CA GLY A 82 10.83 4.10 8.68
C GLY A 82 9.69 4.88 8.05
N GLN A 83 8.65 5.22 8.82
CA GLN A 83 7.49 5.92 8.31
C GLN A 83 7.22 7.24 9.01
N GLY A 84 7.32 7.27 10.34
CA GLY A 84 6.97 8.47 11.08
C GLY A 84 8.03 9.55 11.01
N LYS A 85 7.59 10.79 11.19
CA LYS A 85 8.50 11.93 11.24
C LYS A 85 7.92 12.97 12.18
N TYR A 86 8.68 13.30 13.22
CA TYR A 86 8.31 14.39 14.12
C TYR A 86 8.87 15.70 13.57
N PHE A 87 8.36 16.81 14.12
CA PHE A 87 8.71 18.11 13.58
C PHE A 87 9.13 19.05 14.70
N PRO A 88 10.03 19.99 14.43
CA PRO A 88 10.39 20.99 15.43
C PRO A 88 9.18 21.78 15.88
N VAL A 89 9.23 22.29 17.12
CA VAL A 89 8.09 22.98 17.68
C VAL A 89 7.82 24.26 16.89
N VAL A 90 6.54 24.61 16.79
CA VAL A 90 6.10 25.80 16.07
C VAL A 90 5.14 26.57 16.96
N GLU A 91 5.20 27.90 16.88
CA GLU A 91 4.33 28.74 17.70
C GLU A 91 2.87 28.71 17.23
N ASP A 92 2.62 28.24 16.00
CA ASP A 92 1.26 28.25 15.48
C ASP A 92 0.41 27.16 16.12
N LYS A 93 0.93 25.94 16.17
CA LYS A 93 0.16 24.79 16.62
C LYS A 93 0.48 24.43 18.07
N LYS A 94 -0.33 23.53 18.62
CA LYS A 94 -0.07 22.98 19.94
C LYS A 94 0.92 21.82 19.81
N ASN A 95 2.01 21.90 20.57
CA ASN A 95 3.15 21.00 20.39
C ASN A 95 3.17 19.97 21.51
N ILE A 96 2.95 18.71 21.16
CA ILE A 96 3.02 17.59 22.09
C ILE A 96 4.20 16.73 21.71
N ALA A 97 5.07 16.45 22.68
CA ALA A 97 6.15 15.51 22.44
C ALA A 97 5.60 14.09 22.35
N SER A 98 6.37 13.22 21.70
CA SER A 98 5.88 11.87 21.41
C SER A 98 5.69 11.06 22.69
N PHE A 99 6.56 11.24 23.68
CA PHE A 99 6.48 10.44 24.89
C PHE A 99 5.38 10.88 25.84
N GLU A 100 4.90 12.12 25.72
CA GLU A 100 3.82 12.61 26.56
C GLU A 100 2.46 12.58 25.86
N PHE A 101 2.39 12.02 24.66
CA PHE A 101 1.13 12.00 23.92
C PHE A 101 0.08 11.18 24.65
N ILE A 102 0.44 9.96 25.05
CA ILE A 102 -0.53 9.10 25.76
C ILE A 102 -0.96 9.76 27.06
N SER A 103 -0.03 10.40 27.77
CA SER A 103 -0.37 11.03 29.05
C SER A 103 -1.23 12.26 28.84
N TYR A 104 -0.89 13.10 27.85
CA TYR A 104 -1.65 14.33 27.64
C TYR A 104 -3.06 14.04 27.15
N ILE A 105 -3.20 13.10 26.22
CA ILE A 105 -4.53 12.81 25.66
C ILE A 105 -5.44 12.21 26.71
N LEU A 106 -4.94 11.22 27.47
CA LEU A 106 -5.77 10.53 28.44
C LEU A 106 -6.07 11.38 29.66
N ALA A 107 -5.25 12.39 29.95
CA ALA A 107 -5.50 13.27 31.08
C ALA A 107 -6.43 14.42 30.76
N THR A 108 -6.60 14.76 29.48
CA THR A 108 -7.37 15.92 29.06
C THR A 108 -8.75 15.57 28.53
N TYR A 109 -8.86 14.55 27.68
CA TYR A 109 -10.07 14.30 26.91
C TYR A 109 -10.77 13.03 27.39
N GLU A 110 -11.96 12.80 26.82
CA GLU A 110 -12.85 11.72 27.23
C GLU A 110 -13.21 10.76 26.12
N THR A 111 -13.45 11.27 24.91
CA THR A 111 -13.98 10.45 23.82
C THR A 111 -13.09 10.58 22.59
N VAL A 112 -13.28 9.63 21.67
CA VAL A 112 -12.55 9.67 20.39
C VAL A 112 -12.96 10.91 19.60
N ASP A 113 -14.25 11.24 19.62
CA ASP A 113 -14.71 12.45 18.94
C ASP A 113 -14.05 13.69 19.50
N GLN A 114 -13.91 13.76 20.83
CA GLN A 114 -13.21 14.87 21.46
C GLN A 114 -11.75 14.92 21.02
N VAL A 115 -11.11 13.76 20.94
CA VAL A 115 -9.69 13.72 20.56
C VAL A 115 -9.53 14.08 19.09
N LYS A 116 -10.44 13.60 18.23
CA LYS A 116 -10.33 13.86 16.81
C LYS A 116 -10.47 15.35 16.49
N GLU A 117 -11.39 16.03 17.19
CA GLU A 117 -11.61 17.45 16.92
C GLU A 117 -10.47 18.31 17.43
N ASN A 118 -9.87 17.92 18.57
CA ASN A 118 -8.85 18.74 19.21
C ASN A 118 -7.46 18.52 18.65
N LEU A 119 -7.29 17.61 17.68
CA LEU A 119 -5.98 17.36 17.08
C LEU A 119 -5.73 18.17 15.82
N THR A 120 -6.65 19.05 15.44
CA THR A 120 -6.48 19.82 14.21
C THR A 120 -5.39 20.88 14.33
N ASP A 121 -5.05 21.29 15.54
CA ASP A 121 -4.01 22.29 15.77
C ASP A 121 -2.86 21.71 16.60
N VAL A 122 -2.53 20.44 16.33
CA VAL A 122 -1.55 19.70 17.12
C VAL A 122 -0.35 19.37 16.23
N ASN A 123 0.85 19.53 16.79
CA ASN A 123 2.09 19.14 16.13
C ASN A 123 2.86 18.22 17.06
N ILE A 124 3.19 17.02 16.58
CA ILE A 124 3.98 16.08 17.35
C ILE A 124 5.44 16.52 17.26
N SER A 125 5.97 17.04 18.37
CA SER A 125 7.28 17.66 18.36
C SER A 125 8.40 16.62 18.42
N ASP A 126 9.59 17.04 18.01
CA ASP A 126 10.78 16.20 18.05
C ASP A 126 11.48 16.23 19.39
N VAL A 127 10.78 16.59 20.46
CA VAL A 127 11.37 16.67 21.79
C VAL A 127 11.50 15.25 22.34
N SER A 128 12.73 14.78 22.48
CA SER A 128 12.97 13.48 23.09
C SER A 128 13.01 13.61 24.61
N PHE A 129 12.98 12.46 25.29
CA PHE A 129 13.16 12.47 26.74
C PHE A 129 14.54 13.02 27.09
N SER A 130 15.55 12.66 26.30
CA SER A 130 16.89 13.22 26.43
C SER A 130 17.60 13.15 25.09
N LYS A 131 18.08 11.95 24.73
CA LYS A 131 18.78 11.77 23.46
C LYS A 131 17.96 10.93 22.49
N GLU A 137 10.27 6.76 16.67
CA GLU A 137 9.17 6.92 15.72
C GLU A 137 7.98 6.05 16.12
N LEU A 138 6.87 6.69 16.47
CA LEU A 138 5.71 5.98 16.99
C LEU A 138 4.44 6.52 16.36
N HIS A 139 3.43 5.65 16.28
CA HIS A 139 2.07 6.03 15.94
C HIS A 139 1.13 5.40 16.95
N TRP A 140 -0.09 5.95 17.03
CA TRP A 140 -0.97 5.65 18.14
C TRP A 140 -2.33 5.15 17.66
N LEU A 141 -2.99 4.40 18.53
CA LEU A 141 -4.37 3.94 18.33
C LEU A 141 -5.21 4.41 19.51
N VAL A 142 -6.30 5.11 19.23
CA VAL A 142 -7.14 5.72 20.24
C VAL A 142 -8.57 5.20 20.08
N GLY A 143 -9.09 4.56 21.13
CA GLY A 143 -10.46 4.09 21.13
C GLY A 143 -11.18 4.56 22.38
N ASP A 144 -12.49 4.32 22.41
CA ASP A 144 -13.29 4.70 23.57
C ASP A 144 -14.45 3.71 23.72
N LYS A 145 -15.48 4.11 24.45
CA LYS A 145 -16.60 3.25 24.78
C LYS A 145 -17.65 3.18 23.68
N THR A 146 -17.55 4.03 22.65
CA THR A 146 -18.49 3.97 21.54
C THR A 146 -18.24 2.79 20.61
N GLY A 147 -17.11 2.11 20.77
CA GLY A 147 -16.74 1.04 19.86
C GLY A 147 -16.00 1.50 18.62
N LYS A 148 -15.64 2.78 18.55
CA LYS A 148 -14.91 3.34 17.42
C LYS A 148 -13.49 3.68 17.83
N SER A 149 -12.63 3.84 16.82
CA SER A 149 -11.23 4.15 17.08
C SER A 149 -10.67 4.99 15.95
N ILE A 150 -9.59 5.72 16.26
CA ILE A 150 -8.87 6.50 15.27
C ILE A 150 -7.40 6.14 15.35
N VAL A 151 -6.70 6.42 14.26
CA VAL A 151 -5.25 6.20 14.15
C VAL A 151 -4.59 7.55 13.96
N VAL A 152 -3.56 7.81 14.75
CA VAL A 152 -2.83 9.08 14.71
C VAL A 152 -1.42 8.79 14.23
N GLU A 153 -1.09 9.29 13.04
CA GLU A 153 0.23 9.09 12.45
C GLU A 153 0.78 10.43 11.96
N SER A 154 2.01 10.73 12.33
CA SER A 154 2.73 11.91 11.87
C SER A 154 3.87 11.44 10.97
N ASP A 155 3.75 11.71 9.67
CA ASP A 155 4.75 11.27 8.71
C ASP A 155 5.40 12.44 7.99
N GLU A 156 5.86 12.21 6.76
CA GLU A 156 6.54 13.26 6.00
C GLU A 156 5.59 14.39 5.62
N LYS A 157 4.29 14.08 5.50
CA LYS A 157 3.29 15.08 5.11
C LYS A 157 2.56 15.67 6.31
N GLY A 158 3.12 15.54 7.51
CA GLY A 158 2.54 16.12 8.70
C GLY A 158 1.73 15.12 9.50
N LEU A 159 0.84 15.67 10.34
CA LEU A 159 0.00 14.87 11.21
C LEU A 159 -1.25 14.42 10.48
N HIS A 160 -1.69 13.21 10.78
CA HIS A 160 -2.88 12.63 10.15
C HIS A 160 -3.70 11.89 11.20
N VAL A 161 -5.02 12.04 11.11
CA VAL A 161 -5.95 11.34 12.00
C VAL A 161 -6.94 10.60 11.12
N TYR A 162 -6.84 9.27 11.11
CA TYR A 162 -7.68 8.42 10.28
C TYR A 162 -8.73 7.72 11.12
N ASP A 163 -9.93 7.57 10.56
CA ASP A 163 -10.93 6.70 11.16
C ASP A 163 -10.55 5.25 10.94
N ASN A 164 -10.62 4.45 12.01
CA ASN A 164 -10.19 3.05 11.95
C ASN A 164 -11.41 2.15 11.83
N PRO A 165 -11.73 1.64 10.64
CA PRO A 165 -12.92 0.78 10.50
C PRO A 165 -12.74 -0.64 11.03
N VAL A 166 -11.51 -1.05 11.34
CA VAL A 166 -11.23 -2.42 11.76
C VAL A 166 -10.79 -2.51 13.21
N ASN A 167 -10.60 -1.38 13.89
CA ASN A 167 -10.33 -1.35 15.33
C ASN A 167 -9.05 -2.11 15.69
N ALA A 168 -8.03 -2.00 14.83
CA ALA A 168 -6.77 -2.67 15.07
C ALA A 168 -5.64 -1.84 14.47
N LEU A 169 -4.42 -2.15 14.88
CA LEU A 169 -3.26 -1.42 14.41
C LEU A 169 -2.00 -2.24 14.68
N THR A 170 -1.04 -2.15 13.76
CA THR A 170 0.28 -2.75 13.97
C THR A 170 1.37 -1.71 13.73
N ASN A 171 2.25 -1.95 12.76
CA ASN A 171 3.36 -1.04 12.50
C ASN A 171 3.30 -0.48 11.08
N ALA A 172 4.43 -0.53 10.38
CA ALA A 172 4.49 -0.04 9.02
C ALA A 172 3.62 -0.89 8.10
N PRO A 173 3.12 -0.33 6.99
CA PRO A 173 3.33 1.03 6.47
C PRO A 173 2.26 2.02 6.94
N LEU A 174 2.02 3.07 6.16
CA LEU A 174 0.99 4.04 6.50
C LEU A 174 -0.37 3.36 6.59
N PHE A 175 -1.23 3.90 7.45
CA PHE A 175 -2.52 3.26 7.70
C PHE A 175 -3.40 3.16 6.46
N PRO A 176 -3.50 4.15 5.57
CA PRO A 176 -4.27 3.93 4.33
C PRO A 176 -3.73 2.77 3.51
N GLN A 177 -2.43 2.53 3.53
CA GLN A 177 -1.87 1.39 2.82
C GLN A 177 -2.25 0.07 3.50
N GLN A 178 -2.36 0.07 4.83
CA GLN A 178 -2.79 -1.13 5.53
C GLN A 178 -4.23 -1.47 5.20
N LEU A 179 -5.10 -0.47 5.12
CA LEU A 179 -6.49 -0.71 4.74
C LEU A 179 -6.59 -1.19 3.30
N THR A 180 -5.72 -0.69 2.42
CA THR A 180 -5.73 -1.15 1.03
C THR A 180 -5.33 -2.61 0.93
N ASN A 181 -4.29 -3.02 1.67
CA ASN A 181 -3.85 -4.41 1.66
C ASN A 181 -4.91 -5.36 2.19
N LEU A 182 -5.85 -4.86 3.00
CA LEU A 182 -6.90 -5.71 3.53
C LEU A 182 -7.77 -6.28 2.41
N ALA A 183 -7.99 -5.49 1.34
CA ALA A 183 -8.82 -5.94 0.23
C ALA A 183 -8.21 -7.12 -0.50
N ASN A 184 -6.91 -7.34 -0.36
CA ASN A 184 -6.25 -8.48 -1.00
C ASN A 184 -6.68 -9.82 -0.42
N TYR A 185 -7.48 -9.82 0.64
CA TYR A 185 -7.92 -11.06 1.29
C TYR A 185 -9.43 -11.11 1.40
N ALA A 186 -10.14 -10.41 0.50
CA ALA A 186 -11.59 -10.34 0.59
C ALA A 186 -12.27 -11.68 0.33
N ALA A 187 -11.56 -12.64 -0.27
CA ALA A 187 -12.14 -13.95 -0.54
C ALA A 187 -12.02 -14.90 0.65
N VAL A 188 -11.27 -14.53 1.69
CA VAL A 188 -11.07 -15.40 2.84
C VAL A 188 -12.39 -15.53 3.60
N VAL A 189 -12.75 -16.78 3.93
CA VAL A 189 -13.91 -17.04 4.78
C VAL A 189 -13.49 -18.03 5.87
N PRO A 190 -14.08 -17.95 7.07
CA PRO A 190 -13.68 -18.89 8.14
C PRO A 190 -14.03 -20.33 7.85
N GLY A 191 -14.96 -20.60 6.93
CA GLY A 191 -15.34 -21.96 6.62
C GLY A 191 -14.85 -22.43 5.27
N GLN A 192 -15.74 -23.08 4.51
CA GLN A 192 -15.40 -23.56 3.18
C GLN A 192 -16.02 -22.65 2.13
N PRO A 193 -15.25 -22.24 1.12
CA PRO A 193 -15.81 -21.40 0.07
C PRO A 193 -16.61 -22.22 -0.94
N ASN A 194 -17.48 -21.52 -1.66
CA ASN A 194 -18.17 -22.12 -2.79
C ASN A 194 -17.20 -22.30 -3.94
N ASN A 195 -17.29 -23.44 -4.62
CA ASN A 195 -16.39 -23.73 -5.73
C ASN A 195 -16.84 -22.97 -6.97
N ASP A 196 -16.50 -21.70 -7.00
CA ASP A 196 -16.52 -20.91 -8.22
C ASP A 196 -15.13 -20.79 -8.83
N PHE A 197 -14.17 -21.57 -8.32
CA PHE A 197 -12.82 -21.58 -8.84
C PHE A 197 -12.71 -22.45 -10.09
N LEU A 198 -13.19 -23.68 -10.01
CA LEU A 198 -13.28 -24.59 -11.14
C LEU A 198 -14.70 -25.13 -11.22
N PRO A 199 -15.63 -24.35 -11.76
CA PRO A 199 -17.02 -24.82 -11.85
C PRO A 199 -17.13 -26.10 -12.66
N GLY A 200 -17.93 -27.03 -12.17
CA GLY A 200 -18.08 -28.32 -12.80
C GLY A 200 -17.04 -29.35 -12.41
N VAL A 201 -16.20 -29.05 -11.43
CA VAL A 201 -15.16 -29.96 -10.97
C VAL A 201 -15.32 -30.15 -9.47
N ASP A 202 -15.41 -31.41 -9.04
CA ASP A 202 -15.54 -31.74 -7.62
C ASP A 202 -14.18 -31.67 -6.96
N LEU A 203 -13.92 -30.58 -6.23
CA LEU A 203 -12.66 -30.42 -5.52
C LEU A 203 -12.71 -31.19 -4.21
N LYS A 204 -11.62 -31.89 -3.90
CA LYS A 204 -11.51 -32.70 -2.69
C LYS A 204 -11.27 -31.77 -1.51
N MET A 205 -12.34 -31.33 -0.86
CA MET A 205 -12.23 -30.51 0.34
C MET A 205 -11.63 -31.32 1.48
N TYR A 206 -10.32 -31.58 1.41
CA TYR A 206 -9.68 -32.51 2.32
C TYR A 206 -9.58 -31.99 3.75
N SER A 207 -9.68 -30.68 3.95
CA SER A 207 -9.50 -30.09 5.27
C SER A 207 -10.61 -29.09 5.57
N ARG A 208 -10.91 -28.96 6.86
CA ARG A 208 -11.83 -27.91 7.31
C ARG A 208 -11.16 -26.55 7.17
N SER A 209 -11.99 -25.51 7.00
CA SER A 209 -11.53 -24.13 6.94
C SER A 209 -10.51 -23.92 5.84
N LEU A 210 -10.77 -24.48 4.66
CA LEU A 210 -9.91 -24.22 3.51
C LEU A 210 -10.06 -22.78 3.01
N GLY A 211 -11.08 -22.06 3.46
CA GLY A 211 -11.22 -20.66 3.11
C GLY A 211 -10.23 -19.74 3.80
N THR A 212 -9.44 -20.25 4.73
CA THR A 212 -8.39 -19.49 5.40
C THR A 212 -6.99 -19.89 4.94
N HIS A 213 -6.89 -20.68 3.87
CA HIS A 213 -5.58 -21.20 3.45
C HIS A 213 -4.60 -20.08 3.14
N HIS A 214 -5.10 -18.91 2.74
CA HIS A 214 -4.23 -17.78 2.40
C HIS A 214 -4.28 -16.68 3.45
N LEU A 215 -4.77 -16.99 4.65
CA LEU A 215 -4.72 -16.03 5.74
C LEU A 215 -3.26 -15.87 6.19
N PRO A 216 -2.75 -14.64 6.29
CA PRO A 216 -1.33 -14.46 6.62
C PRO A 216 -1.02 -14.91 8.03
N GLY A 217 0.17 -15.49 8.20
CA GLY A 217 0.60 -15.95 9.51
C GLY A 217 2.01 -15.52 9.86
N GLY A 218 2.59 -14.62 9.06
CA GLY A 218 3.93 -14.15 9.33
C GLY A 218 3.99 -13.22 10.52
N MET A 219 5.21 -12.88 10.90
CA MET A 219 5.47 -11.99 12.01
C MET A 219 5.69 -10.54 11.56
N ASP A 220 5.68 -10.29 10.26
CA ASP A 220 5.80 -8.92 9.78
C ASP A 220 4.52 -8.14 10.08
N SER A 221 4.61 -6.82 9.89
CA SER A 221 3.54 -5.94 10.33
C SER A 221 2.26 -6.14 9.52
N GLU A 222 2.38 -6.36 8.21
CA GLU A 222 1.18 -6.51 7.39
C GLU A 222 0.48 -7.83 7.66
N SER A 223 1.25 -8.91 7.84
CA SER A 223 0.65 -10.22 8.12
C SER A 223 -0.10 -10.20 9.44
N ARG A 224 0.49 -9.60 10.48
CA ARG A 224 -0.17 -9.55 11.78
C ARG A 224 -1.40 -8.65 11.74
N PHE A 225 -1.37 -7.60 10.92
CA PHE A 225 -2.54 -6.72 10.82
C PHE A 225 -3.71 -7.43 10.18
N VAL A 226 -3.47 -8.20 9.12
CA VAL A 226 -4.57 -8.86 8.41
C VAL A 226 -5.18 -9.96 9.28
N LYS A 227 -4.34 -10.73 9.98
CA LYS A 227 -4.86 -11.84 10.77
C LYS A 227 -5.62 -11.34 12.00
N VAL A 228 -5.08 -10.32 12.68
CA VAL A 228 -5.76 -9.84 13.89
C VAL A 228 -7.06 -9.12 13.54
N CYS A 229 -7.11 -8.49 12.36
CA CYS A 229 -8.39 -7.92 11.90
C CYS A 229 -9.40 -9.04 11.67
N PHE A 230 -8.95 -10.17 11.15
CA PHE A 230 -9.83 -11.31 10.94
C PHE A 230 -10.27 -11.92 12.27
N ALA A 231 -9.33 -12.11 13.19
CA ALA A 231 -9.66 -12.74 14.47
C ALA A 231 -10.56 -11.85 15.31
N LEU A 232 -10.36 -10.53 15.24
CA LEU A 232 -11.18 -9.61 16.02
C LEU A 232 -12.59 -9.51 15.46
N ASN A 233 -12.72 -9.49 14.12
CA ASN A 233 -14.03 -9.32 13.50
C ASN A 233 -14.95 -10.51 13.78
N HIS A 234 -14.39 -11.71 13.90
CA HIS A 234 -15.18 -12.92 14.09
C HIS A 234 -15.21 -13.39 15.54
N ALA A 235 -14.69 -12.60 16.46
CA ALA A 235 -14.69 -12.97 17.86
C ALA A 235 -16.12 -13.02 18.40
N PRO A 236 -16.35 -13.81 19.46
CA PRO A 236 -17.70 -13.86 20.05
C PRO A 236 -18.12 -12.50 20.60
N LYS A 237 -19.43 -12.35 20.76
CA LYS A 237 -20.02 -11.11 21.23
C LYS A 237 -21.01 -11.42 22.35
N ASP A 238 -21.45 -10.36 23.03
CA ASP A 238 -22.45 -10.44 24.11
C ASP A 238 -22.00 -11.42 25.19
N SER A 239 -20.81 -11.18 25.73
CA SER A 239 -20.22 -12.01 26.76
C SER A 239 -20.04 -11.22 28.05
N ASP A 240 -19.94 -11.95 29.16
CA ASP A 240 -19.69 -11.33 30.45
C ASP A 240 -18.20 -11.02 30.59
N GLU A 241 -17.78 -10.55 31.76
CA GLU A 241 -16.44 -9.99 31.93
C GLU A 241 -15.36 -11.06 31.72
N VAL A 242 -15.49 -12.20 32.41
CA VAL A 242 -14.45 -13.22 32.36
C VAL A 242 -14.34 -13.81 30.96
N GLU A 243 -15.49 -14.10 30.34
CA GLU A 243 -15.46 -14.65 28.99
C GLU A 243 -14.94 -13.62 27.98
N SER A 244 -15.23 -12.34 28.20
CA SER A 244 -14.77 -11.31 27.27
C SER A 244 -13.26 -11.14 27.34
N VAL A 245 -12.70 -11.05 28.55
CA VAL A 245 -11.27 -10.90 28.69
C VAL A 245 -10.55 -12.17 28.24
N THR A 246 -11.16 -13.33 28.43
CA THR A 246 -10.58 -14.56 27.92
C THR A 246 -10.50 -14.55 26.40
N ASN A 247 -11.58 -14.11 25.74
CA ASN A 247 -11.56 -14.02 24.28
C ASN A 247 -10.59 -12.95 23.79
N PHE A 248 -10.46 -11.85 24.55
CA PHE A 248 -9.53 -10.80 24.15
C PHE A 248 -8.11 -11.32 24.05
N PHE A 249 -7.68 -12.12 25.03
CA PHE A 249 -6.32 -12.63 25.02
C PHE A 249 -6.10 -13.61 23.87
N HIS A 250 -7.09 -14.46 23.59
CA HIS A 250 -6.98 -15.39 22.47
C HIS A 250 -6.87 -14.64 21.14
N ILE A 251 -7.56 -13.50 21.01
CA ILE A 251 -7.48 -12.72 19.79
C ILE A 251 -6.04 -12.27 19.54
N LEU A 252 -5.41 -11.72 20.57
CA LEU A 252 -4.02 -11.27 20.43
C LEU A 252 -3.04 -12.44 20.38
N GLN A 253 -3.41 -13.60 20.94
CA GLN A 253 -2.57 -14.78 20.81
C GLN A 253 -2.49 -15.25 19.37
N SER A 254 -3.50 -14.93 18.55
CA SER A 254 -3.51 -15.34 17.15
C SER A 254 -2.38 -14.69 16.36
N VAL A 255 -1.75 -13.65 16.90
CA VAL A 255 -0.59 -13.02 16.27
C VAL A 255 0.56 -13.00 17.27
N GLU A 256 0.62 -14.01 18.12
CA GLU A 256 1.72 -14.11 19.08
C GLU A 256 3.03 -14.32 18.35
N GLN A 257 4.09 -13.69 18.86
CA GLN A 257 5.43 -13.80 18.29
C GLN A 257 6.27 -14.68 19.21
N VAL A 258 6.51 -15.93 18.77
CA VAL A 258 7.25 -16.89 19.58
C VAL A 258 8.74 -16.68 19.38
N LYS A 259 9.52 -16.92 20.43
CA LYS A 259 10.97 -16.77 20.37
C LYS A 259 11.54 -17.66 19.28
N GLY A 260 12.26 -17.05 18.34
CA GLY A 260 12.89 -17.75 17.24
C GLY A 260 12.25 -17.51 15.89
N MET A 261 11.03 -16.97 15.86
CA MET A 261 10.30 -16.77 14.62
C MET A 261 10.57 -15.43 13.97
N ASP A 262 10.95 -14.42 14.74
CA ASP A 262 11.14 -13.06 14.24
C ASP A 262 12.57 -12.63 14.58
N GLU A 263 13.48 -12.78 13.62
CA GLU A 263 14.88 -12.41 13.80
C GLU A 263 15.07 -10.97 13.34
N VAL A 264 15.37 -10.08 14.28
CA VAL A 264 15.65 -8.69 13.95
C VAL A 264 17.14 -8.40 13.88
N GLY A 265 17.99 -9.28 14.40
CA GLY A 265 19.42 -9.12 14.34
C GLY A 265 20.14 -10.43 14.52
N PRO A 266 21.47 -10.41 14.45
CA PRO A 266 22.25 -11.65 14.64
C PRO A 266 21.98 -12.31 15.98
N ASN A 267 21.24 -13.41 15.96
CA ASN A 267 20.83 -14.12 17.18
C ASN A 267 20.03 -13.22 18.13
N ILE A 268 19.31 -12.25 17.56
CA ILE A 268 18.45 -11.36 18.32
C ILE A 268 17.04 -11.51 17.78
N PHE A 269 16.09 -11.85 18.64
CA PHE A 269 14.73 -12.17 18.24
C PHE A 269 13.73 -11.29 18.97
N GLU A 270 12.69 -10.89 18.25
CA GLU A 270 11.60 -10.09 18.82
C GLU A 270 10.44 -11.01 19.16
N TYR A 271 9.95 -10.92 20.39
CA TYR A 271 8.92 -11.81 20.88
C TYR A 271 7.89 -11.02 21.69
N THR A 272 6.73 -11.62 21.89
CA THR A 272 5.62 -10.99 22.62
C THR A 272 5.98 -10.94 24.09
N MET A 273 6.40 -9.76 24.56
CA MET A 273 6.86 -9.64 25.95
C MET A 273 5.70 -9.60 26.94
N TYR A 274 4.64 -8.85 26.63
CA TYR A 274 3.48 -8.82 27.49
C TYR A 274 2.23 -8.54 26.67
N THR A 275 1.09 -8.91 27.24
CA THR A 275 -0.22 -8.69 26.63
C THR A 275 -1.13 -8.06 27.66
N SER A 276 -1.68 -6.88 27.34
CA SER A 276 -2.53 -6.14 28.26
C SER A 276 -3.96 -6.12 27.73
N CYS A 277 -4.92 -6.16 28.66
CA CYS A 277 -6.34 -6.07 28.35
C CYS A 277 -6.99 -5.17 29.38
N MET A 278 -7.57 -4.06 28.93
CA MET A 278 -8.09 -3.03 29.83
C MET A 278 -9.58 -2.82 29.56
N ASN A 279 -10.40 -3.07 30.58
CA ASN A 279 -11.82 -2.78 30.49
C ASN A 279 -12.04 -1.27 30.54
N LEU A 280 -12.61 -0.72 29.46
CA LEU A 280 -12.75 0.74 29.38
C LEU A 280 -13.77 1.27 30.37
N GLU A 281 -14.75 0.45 30.77
CA GLU A 281 -15.78 0.89 31.69
C GLU A 281 -15.37 0.72 33.14
N LYS A 282 -14.93 -0.49 33.51
CA LYS A 282 -14.62 -0.80 34.90
C LYS A 282 -13.22 -0.38 35.31
N GLY A 283 -12.40 0.10 34.39
CA GLY A 283 -11.06 0.55 34.72
C GLY A 283 -10.16 -0.53 35.29
N ILE A 284 -10.26 -1.75 34.78
CA ILE A 284 -9.46 -2.88 35.24
C ILE A 284 -8.45 -3.22 34.15
N LEU A 285 -7.19 -3.38 34.55
CA LEU A 285 -6.13 -3.78 33.63
C LEU A 285 -5.80 -5.25 33.84
N TYR A 286 -6.03 -6.07 32.82
CA TYR A 286 -5.61 -7.46 32.82
C TYR A 286 -4.33 -7.59 32.02
N PHE A 287 -3.46 -8.52 32.46
CA PHE A 287 -2.18 -8.66 31.80
C PHE A 287 -1.57 -10.02 32.10
N ASN A 288 -0.80 -10.53 31.13
CA ASN A 288 0.15 -11.60 31.35
C ASN A 288 1.41 -11.24 30.56
N CYS A 289 2.40 -12.13 30.60
CA CYS A 289 3.66 -11.89 29.92
C CYS A 289 4.11 -13.18 29.24
N TYR A 290 5.29 -13.12 28.60
CA TYR A 290 5.81 -14.28 27.90
C TYR A 290 6.13 -15.41 28.86
N ASP A 291 6.61 -15.07 30.06
CA ASP A 291 7.01 -16.08 31.04
C ASP A 291 5.87 -16.56 31.93
N ASP A 292 4.76 -15.82 31.99
CA ASP A 292 3.64 -16.16 32.86
C ASP A 292 2.37 -16.18 32.03
N SER A 293 1.78 -17.37 31.85
CA SER A 293 0.55 -17.49 31.09
C SER A 293 -0.69 -17.11 31.89
N ARG A 294 -0.60 -17.12 33.21
CA ARG A 294 -1.75 -16.78 34.05
C ARG A 294 -2.04 -15.29 33.96
N ILE A 295 -3.32 -14.95 33.84
CA ILE A 295 -3.74 -13.56 33.72
C ILE A 295 -3.83 -12.93 35.10
N SER A 296 -3.30 -11.71 35.23
CA SER A 296 -3.40 -10.91 36.44
C SER A 296 -4.30 -9.72 36.19
N ALA A 297 -4.78 -9.12 37.27
CA ALA A 297 -5.73 -8.02 37.17
C ALA A 297 -5.41 -6.95 38.21
N VAL A 298 -5.49 -5.69 37.78
CA VAL A 298 -5.31 -4.54 38.65
C VAL A 298 -6.49 -3.59 38.42
N ASP A 299 -7.19 -3.24 39.51
CA ASP A 299 -8.37 -2.39 39.44
C ASP A 299 -7.98 -0.98 39.86
N MET A 300 -8.05 -0.04 38.93
CA MET A 300 -7.68 1.34 39.24
C MET A 300 -8.69 1.98 40.20
N ASN A 301 -9.95 1.58 40.12
CA ASN A 301 -11.00 2.13 40.98
C ASN A 301 -11.00 1.52 42.38
N LYS A 302 -9.96 0.78 42.76
CA LYS A 302 -9.79 0.28 44.11
C LYS A 302 -8.68 1.02 44.86
N GLU A 303 -8.27 2.18 44.35
CA GLU A 303 -7.27 3.03 44.99
C GLU A 303 -7.80 4.45 45.04
N ASP A 304 -7.22 5.26 45.94
CA ASP A 304 -7.60 6.66 46.06
C ASP A 304 -7.11 7.42 44.83
N LEU A 305 -8.04 7.72 43.91
CA LEU A 305 -7.65 8.41 42.69
C LEU A 305 -7.31 9.88 42.98
N SER A 306 -7.94 10.48 43.98
CA SER A 306 -7.61 11.87 44.32
C SER A 306 -6.21 12.03 44.92
N SER A 307 -5.39 10.98 44.98
CA SER A 307 -4.04 11.06 45.51
C SER A 307 -3.12 11.75 44.49
N SER A 308 -1.82 11.76 44.75
CA SER A 308 -0.89 12.46 43.87
C SER A 308 0.41 11.67 43.63
N ASP A 309 0.49 10.42 44.08
CA ASP A 309 1.68 9.61 43.89
C ASP A 309 1.36 8.40 43.04
N LEU A 310 2.29 8.02 42.17
CA LEU A 310 2.09 6.86 41.31
C LEU A 310 1.95 5.59 42.14
N ILE A 311 1.10 4.67 41.67
CA ILE A 311 0.87 3.38 42.30
C ILE A 311 1.36 2.33 41.33
N VAL A 312 2.53 1.75 41.61
CA VAL A 312 3.21 0.86 40.67
C VAL A 312 3.02 -0.58 41.11
N PHE A 313 2.78 -1.46 40.14
CA PHE A 313 2.69 -2.90 40.36
C PHE A 313 3.63 -3.61 39.40
N ASP A 314 3.92 -4.87 39.71
CA ASP A 314 4.84 -5.65 38.90
C ASP A 314 4.14 -6.23 37.68
N LEU A 315 4.74 -6.05 36.51
CA LEU A 315 4.20 -6.56 35.26
C LEU A 315 4.80 -7.92 34.89
N PHE A 316 6.12 -8.01 34.84
CA PHE A 316 6.79 -9.26 34.48
C PHE A 316 6.92 -10.15 35.71
N LYS A 317 6.26 -11.30 35.67
CA LYS A 317 6.34 -12.31 36.73
C LYS A 317 6.87 -13.61 36.12
N LYS A 318 7.04 -14.61 36.97
CA LYS A 318 7.46 -15.94 36.55
C LYS A 318 6.23 -16.84 36.39
N GLN A 319 6.46 -18.01 35.80
CA GLN A 319 5.37 -18.92 35.49
C GLN A 319 4.68 -19.38 36.77
N ASP A 320 3.39 -19.04 36.89
CA ASP A 320 2.60 -19.37 38.08
C ASP A 320 1.85 -20.68 37.85
N ILE A 321 2.62 -21.77 37.89
CA ILE A 321 2.07 -23.10 37.65
C ILE A 321 1.26 -23.55 38.86
N SER A 322 0.06 -24.05 38.61
CA SER A 322 -0.78 -24.63 39.66
C SER A 322 -0.53 -26.13 39.70
N PHE A 323 0.04 -26.59 40.82
CA PHE A 323 0.36 -28.01 40.97
C PHE A 323 -0.83 -28.73 41.60
N ILE A 324 -1.35 -29.74 40.90
CA ILE A 324 -2.48 -30.52 41.40
C ILE A 324 -2.04 -31.69 42.26
N ASN A 325 -0.74 -31.97 42.34
CA ASN A 325 -0.24 -33.05 43.17
C ASN A 325 0.68 -32.53 44.27
N CYS B 2 -3.82 -3.60 -17.30
CA CYS B 2 -2.83 -3.17 -18.29
C CYS B 2 -1.46 -2.99 -17.66
N THR B 3 -0.42 -3.27 -18.43
CA THR B 3 0.94 -3.31 -17.93
C THR B 3 1.88 -2.66 -18.94
N SER B 4 2.66 -1.69 -18.48
CA SER B 4 3.61 -0.97 -19.33
C SER B 4 5.02 -1.11 -18.75
N ILE B 5 6.00 -1.30 -19.63
CA ILE B 5 7.38 -1.53 -19.23
C ILE B 5 8.33 -0.71 -20.10
N LEU B 6 9.55 -0.54 -19.58
CA LEU B 6 10.66 0.05 -20.33
C LEU B 6 11.83 -0.92 -20.28
N TYR B 7 12.22 -1.44 -21.43
CA TYR B 7 13.17 -2.55 -21.54
C TYR B 7 14.41 -2.08 -22.28
N SER B 8 15.57 -2.24 -21.65
CA SER B 8 16.84 -1.75 -22.18
C SER B 8 17.89 -2.84 -22.19
N PRO B 9 17.79 -3.79 -23.13
CA PRO B 9 18.86 -4.80 -23.27
C PRO B 9 20.08 -4.22 -23.97
N LYS B 10 19.85 -3.44 -25.04
CA LYS B 10 20.90 -2.68 -25.70
C LYS B 10 20.27 -1.40 -26.25
N ASP B 11 19.35 -1.56 -27.20
CA ASP B 11 18.42 -0.48 -27.51
C ASP B 11 17.39 -0.39 -26.38
N HIS B 12 16.51 0.61 -26.47
CA HIS B 12 15.52 0.86 -25.44
C HIS B 12 14.13 0.74 -26.04
N TYR B 13 13.28 -0.07 -25.39
CA TYR B 13 11.98 -0.43 -25.91
C TYR B 13 10.89 -0.03 -24.92
N PHE B 14 9.89 0.70 -25.42
CA PHE B 14 8.77 1.17 -24.63
C PHE B 14 7.50 0.54 -25.18
N GLY B 15 6.65 0.04 -24.30
CA GLY B 15 5.43 -0.59 -24.75
C GLY B 15 4.52 -0.94 -23.59
N ARG B 16 3.44 -1.63 -23.91
CA ARG B 16 2.45 -1.97 -22.90
C ARG B 16 1.51 -3.04 -23.42
N ASN B 17 0.89 -3.74 -22.47
CA ASN B 17 -0.33 -4.49 -22.72
C ASN B 17 -1.52 -3.60 -22.45
N LEU B 18 -2.57 -3.74 -23.25
CA LEU B 18 -3.83 -3.04 -23.00
C LEU B 18 -4.90 -4.10 -22.72
N ASP B 19 -5.26 -4.22 -21.45
CA ASP B 19 -6.25 -5.20 -21.00
C ASP B 19 -7.54 -4.48 -20.67
N TYR B 20 -8.58 -4.74 -21.46
CA TYR B 20 -9.88 -4.13 -21.23
C TYR B 20 -10.97 -4.98 -21.87
N GLU B 21 -12.21 -4.63 -21.55
CA GLU B 21 -13.38 -5.30 -22.11
C GLU B 21 -14.07 -4.48 -23.18
N ILE B 22 -13.68 -3.21 -23.36
CA ILE B 22 -14.28 -2.31 -24.34
C ILE B 22 -13.20 -1.85 -25.29
N ALA B 23 -13.47 -1.91 -26.59
CA ALA B 23 -12.57 -1.41 -27.61
C ALA B 23 -13.00 -0.01 -28.06
N TYR B 24 -12.01 0.79 -28.48
CA TYR B 24 -12.26 2.17 -28.87
C TYR B 24 -11.75 2.45 -30.27
N GLY B 25 -11.73 1.44 -31.13
CA GLY B 25 -11.27 1.62 -32.50
C GLY B 25 -9.83 2.08 -32.59
N GLN B 26 -8.95 1.49 -31.79
CA GLN B 26 -7.55 1.89 -31.79
C GLN B 26 -6.88 1.51 -33.10
N LYS B 27 -5.86 2.28 -33.46
CA LYS B 27 -5.07 2.04 -34.66
C LYS B 27 -3.68 2.61 -34.47
N VAL B 28 -2.76 2.18 -35.33
CA VAL B 28 -1.40 2.73 -35.34
C VAL B 28 -1.47 4.10 -36.00
N VAL B 29 -1.11 5.14 -35.26
CA VAL B 29 -1.26 6.52 -35.72
C VAL B 29 0.08 7.23 -35.62
N ILE B 30 0.61 7.65 -36.77
CA ILE B 30 1.79 8.50 -36.83
C ILE B 30 1.32 9.95 -36.96
N THR B 31 1.81 10.80 -36.06
CA THR B 31 1.49 12.21 -36.12
C THR B 31 2.71 12.99 -36.58
N PRO B 32 2.72 13.53 -37.80
CA PRO B 32 3.91 14.20 -38.32
C PRO B 32 4.17 15.50 -37.58
N ARG B 33 5.32 16.11 -37.90
CA ARG B 33 5.76 17.30 -37.18
C ARG B 33 4.90 18.53 -37.47
N ASN B 34 4.13 18.53 -38.56
CA ASN B 34 3.37 19.71 -38.95
C ASN B 34 1.87 19.48 -38.88
N TYR B 35 1.42 18.52 -38.08
CA TYR B 35 0.01 18.41 -37.73
C TYR B 35 -0.28 19.38 -36.58
N GLU B 36 -1.13 20.36 -36.84
CA GLU B 36 -1.39 21.41 -35.84
C GLU B 36 -2.12 20.81 -34.64
N PHE B 37 -1.47 20.84 -33.48
CA PHE B 37 -2.09 20.42 -32.24
C PHE B 37 -2.84 21.60 -31.63
N LYS B 38 -4.13 21.41 -31.37
CA LYS B 38 -4.94 22.40 -30.69
C LYS B 38 -5.22 21.90 -29.28
N PHE B 39 -4.70 22.60 -28.28
CA PHE B 39 -4.83 22.20 -26.89
C PHE B 39 -5.91 23.02 -26.20
N ALA B 40 -6.50 22.43 -25.15
CA ALA B 40 -7.63 23.04 -24.49
C ALA B 40 -7.25 24.39 -23.88
N ASN B 41 -6.33 24.38 -22.91
CA ASN B 41 -5.94 25.60 -22.21
C ASN B 41 -4.44 25.86 -22.33
N LEU B 42 -3.85 25.51 -23.46
CA LEU B 42 -2.45 25.75 -23.77
C LEU B 42 -2.36 26.24 -25.20
N PRO B 43 -1.30 26.99 -25.54
CA PRO B 43 -1.16 27.51 -26.91
C PRO B 43 -1.07 26.37 -27.92
N ALA B 44 -1.63 26.62 -29.10
CA ALA B 44 -1.58 25.64 -30.18
C ALA B 44 -0.19 25.61 -30.80
N GLU B 45 0.36 24.41 -30.95
CA GLU B 45 1.69 24.21 -31.51
C GLU B 45 1.53 23.69 -32.94
N LYS B 46 1.84 24.53 -33.92
CA LYS B 46 1.70 24.15 -35.32
C LYS B 46 2.82 23.21 -35.76
N SER B 47 4.01 23.34 -35.19
CA SER B 47 5.13 22.46 -35.48
C SER B 47 5.74 21.96 -34.18
N HIS B 48 6.22 20.73 -34.20
CA HIS B 48 6.64 20.04 -32.98
C HIS B 48 7.41 18.78 -33.40
N TYR B 49 7.59 17.87 -32.44
CA TYR B 49 8.15 16.56 -32.75
C TYR B 49 7.07 15.64 -33.29
N ALA B 50 7.47 14.73 -34.18
CA ALA B 50 6.58 13.71 -34.69
C ALA B 50 6.59 12.50 -33.77
N MET B 51 5.49 11.75 -33.78
CA MET B 51 5.34 10.63 -32.86
C MET B 51 4.60 9.49 -33.55
N ILE B 52 4.82 8.29 -33.04
CA ILE B 52 4.14 7.09 -33.50
C ILE B 52 3.64 6.32 -32.29
N GLY B 53 2.42 5.79 -32.39
CA GLY B 53 1.86 5.06 -31.27
C GLY B 53 0.50 4.48 -31.62
N ILE B 54 -0.20 4.04 -30.58
CA ILE B 54 -1.55 3.50 -30.70
C ILE B 54 -2.53 4.56 -30.24
N ALA B 55 -3.53 4.85 -31.06
CA ALA B 55 -4.46 5.92 -30.74
C ALA B 55 -5.79 5.66 -31.44
N ALA B 56 -6.83 6.26 -30.88
CA ALA B 56 -8.13 6.36 -31.53
C ALA B 56 -8.23 7.73 -32.20
N VAL B 57 -8.75 7.76 -33.42
CA VAL B 57 -8.86 8.97 -34.20
C VAL B 57 -10.32 9.38 -34.22
N ALA B 58 -10.64 10.48 -33.52
CA ALA B 58 -12.00 11.01 -33.47
C ALA B 58 -11.97 12.45 -33.99
N ASN B 59 -12.69 12.69 -35.08
CA ASN B 59 -12.72 13.99 -35.74
C ASN B 59 -11.30 14.45 -36.11
N ASN B 60 -10.52 13.52 -36.65
CA ASN B 60 -9.13 13.78 -37.07
C ASN B 60 -8.29 14.34 -35.92
N THR B 61 -8.46 13.74 -34.73
CA THR B 61 -7.66 14.10 -33.56
C THR B 61 -7.09 12.81 -32.98
N PRO B 62 -5.77 12.73 -32.78
CA PRO B 62 -5.17 11.50 -32.23
C PRO B 62 -5.28 11.47 -30.71
N LEU B 63 -6.06 10.53 -30.20
CA LEU B 63 -6.20 10.31 -28.76
C LEU B 63 -5.35 9.09 -28.40
N TYR B 64 -4.12 9.35 -28.00
CA TYR B 64 -3.12 8.29 -27.84
C TYR B 64 -3.33 7.52 -26.55
N CYS B 65 -3.15 6.19 -26.64
CA CYS B 65 -3.05 5.35 -25.46
C CYS B 65 -1.61 5.16 -25.01
N ASP B 66 -0.68 5.13 -25.96
CA ASP B 66 0.75 4.99 -25.71
C ASP B 66 1.48 5.28 -27.00
N ALA B 67 2.61 5.98 -26.91
CA ALA B 67 3.34 6.39 -28.11
C ALA B 67 4.75 6.81 -27.73
N ILE B 68 5.59 6.97 -28.75
CA ILE B 68 6.94 7.50 -28.62
C ILE B 68 7.14 8.53 -29.72
N ASN B 69 8.08 9.45 -29.49
CA ASN B 69 8.38 10.48 -30.47
C ASN B 69 9.69 10.17 -31.20
N GLU B 70 9.99 11.01 -32.19
CA GLU B 70 11.17 10.77 -33.02
C GLU B 70 12.47 10.90 -32.25
N LYS B 71 12.45 11.53 -31.07
CA LYS B 71 13.65 11.79 -30.29
C LYS B 71 13.89 10.78 -29.18
N GLY B 72 13.11 9.70 -29.14
CA GLY B 72 13.38 8.62 -28.23
C GLY B 72 12.78 8.76 -26.84
N LEU B 73 11.65 9.43 -26.70
CA LEU B 73 10.94 9.53 -25.43
C LEU B 73 9.54 8.98 -25.61
N GLY B 74 9.07 8.21 -24.63
CA GLY B 74 7.79 7.54 -24.72
C GLY B 74 6.95 7.78 -23.49
N VAL B 75 5.63 7.79 -23.70
CA VAL B 75 4.65 7.95 -22.64
C VAL B 75 3.52 6.94 -22.88
N ALA B 76 3.08 6.29 -21.80
CA ALA B 76 1.97 5.34 -21.86
C ALA B 76 0.92 5.73 -20.83
N GLY B 77 -0.35 5.59 -21.22
CA GLY B 77 -1.47 5.93 -20.36
C GLY B 77 -2.16 4.67 -19.85
N LEU B 78 -2.28 4.58 -18.54
CA LEU B 78 -2.92 3.44 -17.89
C LEU B 78 -3.98 3.95 -16.92
N SER B 79 -5.06 3.18 -16.80
CA SER B 79 -6.17 3.60 -15.95
C SER B 79 -5.74 3.64 -14.49
N PHE B 80 -6.26 4.61 -13.76
CA PHE B 80 -5.96 4.84 -12.35
C PHE B 80 -7.26 4.96 -11.56
N ALA B 81 -8.22 4.10 -11.87
CA ALA B 81 -9.56 4.21 -11.30
C ALA B 81 -9.52 4.01 -9.79
N GLY B 82 -10.25 4.87 -9.08
CA GLY B 82 -10.30 4.84 -7.64
C GLY B 82 -9.24 5.68 -6.95
N GLN B 83 -8.16 6.03 -7.66
CA GLN B 83 -7.08 6.83 -7.10
C GLN B 83 -6.90 8.16 -7.80
N GLY B 84 -6.98 8.19 -9.13
CA GLY B 84 -6.72 9.42 -9.86
C GLY B 84 -7.83 10.44 -9.67
N LYS B 85 -7.44 11.71 -9.77
CA LYS B 85 -8.39 12.81 -9.65
C LYS B 85 -7.92 13.96 -10.52
N TYR B 86 -8.79 14.43 -11.40
CA TYR B 86 -8.52 15.61 -12.20
C TYR B 86 -9.05 16.85 -11.47
N PHE B 87 -8.60 18.03 -11.91
CA PHE B 87 -8.90 19.24 -11.19
C PHE B 87 -9.37 20.33 -12.15
N PRO B 88 -10.18 21.28 -11.66
CA PRO B 88 -10.61 22.38 -12.52
C PRO B 88 -9.44 23.21 -13.00
N VAL B 89 -9.66 23.93 -14.11
CA VAL B 89 -8.62 24.78 -14.66
C VAL B 89 -8.36 25.95 -13.72
N VAL B 90 -7.09 26.21 -13.44
CA VAL B 90 -6.68 27.36 -12.66
C VAL B 90 -5.77 28.23 -13.51
N GLU B 91 -5.80 29.54 -13.23
CA GLU B 91 -5.12 30.50 -14.10
C GLU B 91 -3.61 30.38 -14.01
N ASP B 92 -3.08 30.11 -12.81
CA ASP B 92 -1.64 30.13 -12.62
C ASP B 92 -0.97 28.91 -13.24
N LYS B 93 -1.53 27.73 -13.00
CA LYS B 93 -0.86 26.49 -13.36
C LYS B 93 -0.96 26.21 -14.85
N LYS B 94 -0.03 25.40 -15.33
CA LYS B 94 0.02 24.95 -16.72
C LYS B 94 -0.99 23.81 -16.88
N ASN B 95 -2.15 24.13 -17.44
CA ASN B 95 -3.26 23.19 -17.48
C ASN B 95 -3.12 22.25 -18.68
N ILE B 96 -3.03 20.96 -18.41
CA ILE B 96 -2.99 19.92 -19.44
C ILE B 96 -4.16 18.98 -19.19
N ALA B 97 -5.00 18.78 -20.20
CA ALA B 97 -6.09 17.83 -20.09
C ALA B 97 -5.54 16.40 -20.18
N SER B 98 -6.32 15.45 -19.65
CA SER B 98 -5.86 14.08 -19.58
C SER B 98 -5.67 13.48 -20.96
N PHE B 99 -6.59 13.75 -21.89
CA PHE B 99 -6.52 13.13 -23.21
C PHE B 99 -5.43 13.73 -24.09
N GLU B 100 -4.89 14.89 -23.73
CA GLU B 100 -3.82 15.51 -24.51
C GLU B 100 -2.47 15.40 -23.82
N PHE B 101 -2.37 14.65 -22.71
CA PHE B 101 -1.11 14.56 -21.98
C PHE B 101 -0.04 13.87 -22.81
N ILE B 102 -0.37 12.71 -23.38
CA ILE B 102 0.61 11.98 -24.18
C ILE B 102 1.00 12.80 -25.40
N SER B 103 0.02 13.40 -26.07
CA SER B 103 0.32 14.18 -27.27
C SER B 103 1.16 15.41 -26.94
N TYR B 104 0.85 16.10 -25.83
CA TYR B 104 1.59 17.31 -25.50
C TYR B 104 3.01 16.99 -25.07
N ILE B 105 3.17 16.03 -24.16
CA ILE B 105 4.50 15.68 -23.65
C ILE B 105 5.40 15.20 -24.77
N LEU B 106 4.89 14.29 -25.61
CA LEU B 106 5.69 13.73 -26.69
C LEU B 106 6.10 14.80 -27.70
N ALA B 107 5.23 15.78 -27.94
CA ALA B 107 5.50 16.78 -28.97
C ALA B 107 6.39 17.91 -28.49
N THR B 108 6.52 18.10 -27.17
CA THR B 108 7.27 19.22 -26.62
C THR B 108 8.67 18.85 -26.16
N TYR B 109 8.79 17.80 -25.35
CA TYR B 109 10.03 17.50 -24.64
C TYR B 109 10.75 16.31 -25.25
N GLU B 110 11.98 16.10 -24.78
CA GLU B 110 12.90 15.15 -25.37
C GLU B 110 13.36 14.05 -24.42
N THR B 111 13.52 14.35 -23.13
CA THR B 111 14.06 13.40 -22.16
C THR B 111 13.17 13.37 -20.93
N VAL B 112 13.41 12.36 -20.08
CA VAL B 112 12.69 12.25 -18.82
C VAL B 112 13.03 13.39 -17.90
N ASP B 113 14.32 13.77 -17.84
CA ASP B 113 14.72 14.90 -17.01
C ASP B 113 14.07 16.19 -17.47
N GLN B 114 13.96 16.38 -18.79
CA GLN B 114 13.25 17.54 -19.32
C GLN B 114 11.79 17.53 -18.89
N VAL B 115 11.13 16.38 -19.02
CA VAL B 115 9.73 16.26 -18.62
C VAL B 115 9.58 16.50 -17.13
N LYS B 116 10.46 15.88 -16.33
CA LYS B 116 10.37 16.02 -14.88
C LYS B 116 10.56 17.46 -14.45
N GLU B 117 11.45 18.19 -15.14
CA GLU B 117 11.73 19.58 -14.77
C GLU B 117 10.58 20.51 -15.11
N ASN B 118 9.70 20.12 -16.02
CA ASN B 118 8.66 21.02 -16.53
C ASN B 118 7.27 20.69 -16.02
N LEU B 119 7.10 19.65 -15.22
CA LEU B 119 5.82 19.39 -14.54
C LEU B 119 5.75 20.05 -13.18
N THR B 120 6.67 20.99 -12.88
CA THR B 120 6.68 21.61 -11.56
C THR B 120 5.42 22.45 -11.32
N ASP B 121 4.88 23.08 -12.36
CA ASP B 121 3.71 23.93 -12.25
C ASP B 121 2.58 23.46 -13.16
N VAL B 122 2.54 22.17 -13.45
CA VAL B 122 1.55 21.59 -14.36
C VAL B 122 0.38 21.03 -13.54
N ASN B 123 -0.84 21.33 -13.98
CA ASN B 123 -2.06 20.82 -13.37
C ASN B 123 -2.83 20.01 -14.39
N ILE B 124 -3.27 18.81 -14.00
CA ILE B 124 -4.03 17.93 -14.88
C ILE B 124 -5.50 18.30 -14.76
N SER B 125 -6.05 18.87 -15.82
CA SER B 125 -7.39 19.43 -15.78
C SER B 125 -8.45 18.37 -16.05
N ASP B 126 -9.68 18.67 -15.64
CA ASP B 126 -10.82 17.78 -15.82
C ASP B 126 -11.52 17.97 -17.16
N VAL B 127 -10.91 18.72 -18.07
CA VAL B 127 -11.51 18.93 -19.39
C VAL B 127 -11.50 17.60 -20.15
N SER B 128 -12.67 17.13 -20.56
CA SER B 128 -12.82 15.85 -21.21
C SER B 128 -13.13 16.04 -22.69
N PHE B 129 -12.55 15.16 -23.52
CA PHE B 129 -12.81 15.22 -24.96
C PHE B 129 -14.22 14.72 -25.28
N SER B 130 -14.52 13.48 -24.92
CA SER B 130 -15.82 12.89 -25.20
C SER B 130 -16.75 13.13 -24.02
N LYS B 131 -17.97 13.58 -24.33
CA LYS B 131 -18.95 13.90 -23.31
C LYS B 131 -19.86 12.73 -22.96
N ASN B 132 -19.85 11.66 -23.76
CA ASN B 132 -20.73 10.52 -23.53
C ASN B 132 -19.99 9.20 -23.36
N THR B 133 -18.66 9.19 -23.46
CA THR B 133 -17.89 7.98 -23.22
C THR B 133 -17.31 8.04 -21.83
N PRO B 134 -17.81 7.24 -20.88
CA PRO B 134 -17.24 7.27 -19.52
C PRO B 134 -15.84 6.67 -19.52
N ALA B 135 -14.91 7.38 -18.88
CA ALA B 135 -13.53 6.93 -18.78
C ALA B 135 -13.01 7.23 -17.38
N SER B 136 -12.27 6.28 -16.81
CA SER B 136 -11.67 6.48 -15.51
C SER B 136 -10.41 7.32 -15.64
N GLU B 137 -9.98 7.90 -14.51
CA GLU B 137 -8.78 8.70 -14.49
C GLU B 137 -7.56 7.84 -14.83
N LEU B 138 -6.56 8.47 -15.44
CA LEU B 138 -5.36 7.77 -15.86
C LEU B 138 -4.14 8.27 -15.08
N HIS B 139 -3.09 7.44 -15.08
CA HIS B 139 -1.75 7.86 -14.70
C HIS B 139 -0.79 7.38 -15.78
N TRP B 140 0.40 7.95 -15.79
CA TRP B 140 1.29 7.82 -16.94
C TRP B 140 2.66 7.31 -16.53
N LEU B 141 3.28 6.59 -17.45
CA LEU B 141 4.67 6.14 -17.34
C LEU B 141 5.46 6.77 -18.47
N VAL B 142 6.58 7.41 -18.13
CA VAL B 142 7.41 8.13 -19.09
C VAL B 142 8.83 7.58 -19.02
N GLY B 143 9.38 7.20 -20.18
CA GLY B 143 10.75 6.75 -20.25
C GLY B 143 11.45 7.31 -21.47
N ASP B 144 12.75 7.07 -21.55
CA ASP B 144 13.55 7.55 -22.68
C ASP B 144 14.71 6.61 -22.91
N LYS B 145 15.65 7.02 -23.78
CA LYS B 145 16.78 6.19 -24.15
C LYS B 145 17.83 6.08 -23.05
N THR B 146 17.68 6.82 -21.95
CA THR B 146 18.62 6.73 -20.84
C THR B 146 18.36 5.54 -19.93
N GLY B 147 17.31 4.76 -20.20
CA GLY B 147 16.98 3.62 -19.37
C GLY B 147 16.23 3.94 -18.10
N LYS B 148 16.04 5.21 -17.77
CA LYS B 148 15.31 5.62 -16.58
C LYS B 148 13.87 5.98 -16.96
N SER B 149 13.01 5.96 -15.95
CA SER B 149 11.60 6.24 -16.17
C SER B 149 11.00 6.90 -14.94
N ILE B 150 9.87 7.58 -15.13
CA ILE B 150 9.15 8.23 -14.06
C ILE B 150 7.67 7.89 -14.17
N VAL B 151 6.95 8.12 -13.08
CA VAL B 151 5.52 7.85 -12.99
C VAL B 151 4.81 9.16 -12.67
N VAL B 152 3.90 9.57 -13.53
CA VAL B 152 3.14 10.80 -13.36
C VAL B 152 1.75 10.43 -12.86
N GLU B 153 1.42 10.86 -11.65
CA GLU B 153 0.15 10.55 -11.00
C GLU B 153 -0.47 11.82 -10.46
N SER B 154 -1.75 12.03 -10.76
CA SER B 154 -2.53 13.14 -10.22
C SER B 154 -3.65 12.53 -9.38
N ASP B 155 -3.58 12.71 -8.06
CA ASP B 155 -4.53 12.08 -7.17
C ASP B 155 -5.28 13.12 -6.33
N GLU B 156 -5.78 12.69 -5.17
CA GLU B 156 -6.54 13.58 -4.30
C GLU B 156 -5.70 14.75 -3.81
N LYS B 157 -4.40 14.55 -3.64
CA LYS B 157 -3.50 15.56 -3.09
C LYS B 157 -2.68 16.26 -4.17
N GLY B 158 -3.14 16.25 -5.42
CA GLY B 158 -2.48 16.96 -6.49
C GLY B 158 -1.64 16.05 -7.37
N LEU B 159 -0.76 16.70 -8.14
CA LEU B 159 0.11 16.00 -9.07
C LEU B 159 1.40 15.56 -8.38
N HIS B 160 1.85 14.36 -8.70
CA HIS B 160 3.08 13.81 -8.16
C HIS B 160 3.89 13.17 -9.28
N VAL B 161 5.22 13.31 -9.20
CA VAL B 161 6.14 12.68 -10.14
C VAL B 161 7.13 11.86 -9.32
N TYR B 162 7.11 10.54 -9.52
CA TYR B 162 8.00 9.63 -8.82
C TYR B 162 9.02 9.05 -9.78
N ASP B 163 10.24 8.87 -9.31
CA ASP B 163 11.23 8.12 -10.06
C ASP B 163 10.90 6.63 -9.97
N ASN B 164 10.93 5.94 -11.11
CA ASN B 164 10.56 4.54 -11.16
C ASN B 164 11.81 3.67 -11.18
N PRO B 165 12.13 2.97 -10.09
CA PRO B 165 13.33 2.13 -10.09
C PRO B 165 13.14 0.78 -10.75
N VAL B 166 11.91 0.35 -11.03
CA VAL B 166 11.65 -0.94 -11.65
C VAL B 166 11.19 -0.83 -13.09
N ASN B 167 10.94 0.39 -13.59
CA ASN B 167 10.64 0.63 -15.00
C ASN B 167 9.39 -0.12 -15.46
N ALA B 168 8.37 -0.15 -14.59
CA ALA B 168 7.12 -0.81 -14.93
C ALA B 168 5.98 -0.08 -14.22
N LEU B 169 4.76 -0.30 -14.71
CA LEU B 169 3.60 0.33 -14.14
C LEU B 169 2.35 -0.45 -14.53
N THR B 170 1.39 -0.52 -13.60
CA THR B 170 0.08 -1.09 -13.90
C THR B 170 -1.02 -0.10 -13.53
N ASN B 171 -1.88 -0.47 -12.58
CA ASN B 171 -2.98 0.40 -12.18
C ASN B 171 -2.87 0.77 -10.70
N ALA B 172 -3.99 0.70 -9.98
CA ALA B 172 -4.01 1.02 -8.57
C ALA B 172 -3.18 0.01 -7.78
N PRO B 173 -2.68 0.40 -6.59
CA PRO B 173 -2.83 1.67 -5.88
C PRO B 173 -1.79 2.71 -6.29
N LEU B 174 -1.58 3.73 -5.46
CA LEU B 174 -0.58 4.74 -5.76
C LEU B 174 0.81 4.10 -5.82
N PHE B 175 1.69 4.72 -6.61
CA PHE B 175 2.99 4.11 -6.88
C PHE B 175 3.83 3.85 -5.64
N PRO B 176 3.91 4.72 -4.64
CA PRO B 176 4.67 4.36 -3.43
C PRO B 176 4.11 3.13 -2.73
N GLN B 177 2.81 2.85 -2.88
CA GLN B 177 2.25 1.62 -2.32
C GLN B 177 2.62 0.41 -3.17
N GLN B 178 2.76 0.59 -4.50
CA GLN B 178 3.22 -0.50 -5.35
C GLN B 178 4.65 -0.88 -5.02
N LEU B 179 5.52 0.11 -4.81
CA LEU B 179 6.90 -0.17 -4.46
C LEU B 179 7.01 -0.83 -3.08
N THR B 180 6.17 -0.39 -2.14
CA THR B 180 6.15 -1.01 -0.82
C THR B 180 5.75 -2.48 -0.91
N ASN B 181 4.75 -2.79 -1.75
CA ASN B 181 4.30 -4.17 -1.91
C ASN B 181 5.38 -5.05 -2.51
N LEU B 182 6.35 -4.48 -3.22
CA LEU B 182 7.42 -5.27 -3.81
C LEU B 182 8.27 -5.94 -2.72
N ALA B 183 8.46 -5.25 -1.60
CA ALA B 183 9.28 -5.78 -0.53
C ALA B 183 8.70 -7.05 0.08
N ASN B 184 7.39 -7.28 -0.08
CA ASN B 184 6.76 -8.50 0.41
C ASN B 184 7.24 -9.73 -0.35
N TYR B 185 8.00 -9.56 -1.43
CA TYR B 185 8.46 -10.68 -2.25
C TYR B 185 9.97 -10.72 -2.37
N ALA B 186 10.69 -10.15 -1.40
CA ALA B 186 12.15 -10.10 -1.46
C ALA B 186 12.79 -11.48 -1.36
N ALA B 187 12.05 -12.49 -0.89
CA ALA B 187 12.57 -13.84 -0.77
C ALA B 187 12.48 -14.62 -2.07
N VAL B 188 11.82 -14.09 -3.10
CA VAL B 188 11.64 -14.81 -4.35
C VAL B 188 12.97 -14.89 -5.09
N VAL B 189 13.29 -16.08 -5.59
CA VAL B 189 14.48 -16.28 -6.43
C VAL B 189 14.07 -17.09 -7.65
N PRO B 190 14.73 -16.92 -8.80
CA PRO B 190 14.35 -17.71 -9.97
C PRO B 190 14.69 -19.18 -9.84
N GLY B 191 15.70 -19.53 -9.05
CA GLY B 191 16.10 -20.91 -8.89
C GLY B 191 15.58 -21.54 -7.61
N GLN B 192 16.46 -22.20 -6.86
CA GLN B 192 16.10 -22.81 -5.59
C GLN B 192 16.75 -22.05 -4.44
N PRO B 193 16.00 -21.72 -3.40
CA PRO B 193 16.61 -21.07 -2.24
C PRO B 193 17.33 -22.08 -1.36
N ASN B 194 18.27 -21.56 -0.57
CA ASN B 194 18.90 -22.38 0.45
C ASN B 194 17.93 -22.60 1.60
N ASN B 195 17.98 -23.79 2.19
CA ASN B 195 17.00 -24.16 3.23
C ASN B 195 17.43 -23.55 4.56
N ASP B 196 17.10 -22.28 4.75
CA ASP B 196 17.10 -21.65 6.05
C ASP B 196 15.71 -21.60 6.66
N PHE B 197 14.75 -22.28 6.02
CA PHE B 197 13.39 -22.36 6.53
C PHE B 197 13.30 -23.36 7.68
N LEU B 198 13.78 -24.57 7.47
CA LEU B 198 13.87 -25.59 8.53
C LEU B 198 15.29 -26.14 8.52
N PRO B 199 16.24 -25.42 9.11
CA PRO B 199 17.63 -25.91 9.14
C PRO B 199 17.72 -27.23 9.89
N GLY B 200 18.47 -28.17 9.30
CA GLY B 200 18.59 -29.51 9.83
C GLY B 200 17.65 -30.52 9.21
N VAL B 201 16.71 -30.07 8.39
CA VAL B 201 15.76 -30.95 7.71
C VAL B 201 16.09 -30.95 6.23
N ASP B 202 16.05 -32.13 5.62
CA ASP B 202 16.30 -32.27 4.18
C ASP B 202 14.97 -32.14 3.46
N LEU B 203 14.61 -30.89 3.13
CA LEU B 203 13.39 -30.65 2.36
C LEU B 203 13.57 -31.18 0.95
N LYS B 204 12.56 -31.91 0.47
CA LYS B 204 12.60 -32.53 -0.86
C LYS B 204 12.16 -31.49 -1.88
N MET B 205 13.13 -30.90 -2.58
CA MET B 205 12.84 -29.95 -3.66
C MET B 205 12.25 -30.73 -4.83
N TYR B 206 10.93 -30.94 -4.77
CA TYR B 206 10.27 -31.81 -5.73
C TYR B 206 10.18 -31.22 -7.12
N SER B 207 10.29 -29.89 -7.27
CA SER B 207 10.11 -29.24 -8.55
C SER B 207 11.17 -28.16 -8.73
N ARG B 208 11.40 -27.81 -9.99
CA ARG B 208 12.32 -26.71 -10.30
C ARG B 208 11.67 -25.37 -9.96
N SER B 209 12.52 -24.37 -9.71
CA SER B 209 12.08 -22.99 -9.50
C SER B 209 11.08 -22.89 -8.35
N LEU B 210 11.33 -23.62 -7.26
CA LEU B 210 10.48 -23.47 -6.08
C LEU B 210 10.64 -22.11 -5.42
N GLY B 211 11.68 -21.36 -5.77
CA GLY B 211 11.82 -19.99 -5.30
C GLY B 211 10.82 -19.01 -5.86
N THR B 212 10.05 -19.41 -6.87
CA THR B 212 8.98 -18.59 -7.41
C THR B 212 7.60 -19.11 -7.03
N HIS B 213 7.51 -20.04 -6.07
CA HIS B 213 6.23 -20.62 -5.71
C HIS B 213 5.23 -19.57 -5.24
N HIS B 214 5.72 -18.45 -4.70
CA HIS B 214 4.87 -17.38 -4.23
C HIS B 214 4.86 -16.17 -5.17
N LEU B 215 5.36 -16.33 -6.39
CA LEU B 215 5.26 -15.26 -7.37
C LEU B 215 3.79 -15.08 -7.77
N PRO B 216 3.25 -13.86 -7.70
CA PRO B 216 1.83 -13.68 -8.02
C PRO B 216 1.56 -13.88 -9.50
N GLY B 217 0.39 -14.47 -9.79
CA GLY B 217 0.00 -14.70 -11.16
C GLY B 217 -1.43 -14.29 -11.44
N GLY B 218 -2.01 -13.50 -10.54
CA GLY B 218 -3.38 -13.07 -10.70
C GLY B 218 -3.52 -12.01 -11.77
N MET B 219 -4.77 -11.77 -12.14
CA MET B 219 -5.09 -10.75 -13.14
C MET B 219 -5.19 -9.35 -12.54
N ASP B 220 -5.14 -9.22 -11.22
CA ASP B 220 -5.31 -7.93 -10.57
C ASP B 220 -4.07 -7.06 -10.76
N SER B 221 -4.19 -5.80 -10.31
CA SER B 221 -3.16 -4.81 -10.61
C SER B 221 -1.86 -5.10 -9.87
N GLU B 222 -1.94 -5.46 -8.59
CA GLU B 222 -0.71 -5.67 -7.81
C GLU B 222 0.01 -6.94 -8.24
N SER B 223 -0.74 -7.99 -8.58
CA SER B 223 -0.11 -9.24 -8.98
C SER B 223 0.68 -9.08 -10.27
N ARG B 224 0.09 -8.44 -11.28
CA ARG B 224 0.78 -8.25 -12.54
C ARG B 224 1.95 -7.29 -12.40
N PHE B 225 1.85 -6.33 -11.47
CA PHE B 225 2.98 -5.41 -11.25
C PHE B 225 4.17 -6.15 -10.67
N VAL B 226 3.94 -7.05 -9.72
CA VAL B 226 5.04 -7.77 -9.08
C VAL B 226 5.69 -8.72 -10.08
N LYS B 227 4.89 -9.46 -10.84
CA LYS B 227 5.45 -10.45 -11.76
C LYS B 227 6.18 -9.80 -12.92
N VAL B 228 5.62 -8.70 -13.47
CA VAL B 228 6.28 -8.05 -14.59
C VAL B 228 7.57 -7.38 -14.14
N CYS B 229 7.64 -6.94 -12.87
CA CYS B 229 8.91 -6.45 -12.35
C CYS B 229 9.93 -7.57 -12.29
N PHE B 230 9.50 -8.76 -11.88
CA PHE B 230 10.38 -9.92 -11.85
C PHE B 230 10.81 -10.32 -13.26
N ALA B 231 9.87 -10.36 -14.19
CA ALA B 231 10.18 -10.79 -15.55
C ALA B 231 11.04 -9.77 -16.27
N LEU B 232 10.80 -8.48 -16.04
CA LEU B 232 11.60 -7.45 -16.69
C LEU B 232 13.03 -7.43 -16.15
N ASN B 233 13.19 -7.58 -14.83
CA ASN B 233 14.51 -7.48 -14.22
C ASN B 233 15.42 -8.62 -14.65
N HIS B 234 14.87 -9.80 -14.95
CA HIS B 234 15.65 -10.98 -15.26
C HIS B 234 15.66 -11.31 -16.75
N ALA B 235 15.14 -10.43 -17.59
CA ALA B 235 15.16 -10.67 -19.02
C ALA B 235 16.58 -10.57 -19.56
N PRO B 236 16.89 -11.25 -20.65
CA PRO B 236 18.24 -11.17 -21.23
C PRO B 236 18.57 -9.77 -21.69
N LYS B 237 19.87 -9.47 -21.75
CA LYS B 237 20.38 -8.17 -22.13
C LYS B 237 21.41 -8.34 -23.24
N ASP B 238 21.90 -7.20 -23.75
CA ASP B 238 22.93 -7.18 -24.80
C ASP B 238 22.49 -7.97 -26.02
N SER B 239 21.27 -7.71 -26.48
CA SER B 239 20.66 -8.44 -27.58
C SER B 239 20.51 -7.53 -28.80
N ASP B 240 20.34 -8.16 -29.95
CA ASP B 240 20.11 -7.43 -31.20
C ASP B 240 18.63 -7.06 -31.30
N GLU B 241 18.23 -6.58 -32.48
CA GLU B 241 16.88 -6.04 -32.63
C GLU B 241 15.82 -7.13 -32.52
N VAL B 242 15.94 -8.18 -33.33
CA VAL B 242 14.89 -9.20 -33.38
C VAL B 242 14.81 -9.96 -32.05
N GLU B 243 15.96 -10.21 -31.42
CA GLU B 243 15.95 -10.95 -30.16
C GLU B 243 15.35 -10.11 -29.04
N SER B 244 15.67 -8.81 -29.01
CA SER B 244 15.13 -7.95 -27.96
C SER B 244 13.61 -7.80 -28.08
N VAL B 245 13.12 -7.65 -29.31
CA VAL B 245 11.67 -7.54 -29.51
C VAL B 245 10.98 -8.83 -29.08
N THR B 246 11.59 -9.97 -29.40
CA THR B 246 11.02 -11.25 -28.97
C THR B 246 10.98 -11.35 -27.45
N ASN B 247 12.07 -10.96 -26.78
CA ASN B 247 12.09 -10.97 -25.33
C ASN B 247 11.07 -9.99 -24.74
N PHE B 248 10.86 -8.85 -25.40
CA PHE B 248 9.92 -7.86 -24.91
C PHE B 248 8.51 -8.41 -24.85
N PHE B 249 8.05 -9.03 -25.95
CA PHE B 249 6.70 -9.56 -25.98
C PHE B 249 6.52 -10.69 -24.98
N HIS B 250 7.58 -11.44 -24.69
CA HIS B 250 7.48 -12.51 -23.70
C HIS B 250 7.36 -11.97 -22.29
N ILE B 251 8.03 -10.84 -22.00
CA ILE B 251 7.88 -10.22 -20.69
C ILE B 251 6.42 -9.85 -20.43
N LEU B 252 5.78 -9.20 -21.41
CA LEU B 252 4.38 -8.83 -21.24
C LEU B 252 3.45 -10.03 -21.37
N GLN B 253 3.88 -11.09 -22.08
CA GLN B 253 3.06 -12.29 -22.15
C GLN B 253 2.96 -12.99 -20.80
N SER B 254 3.96 -12.80 -19.93
CA SER B 254 3.93 -13.38 -18.59
C SER B 254 2.82 -12.82 -17.73
N VAL B 255 2.21 -11.69 -18.11
CA VAL B 255 1.12 -11.11 -17.36
C VAL B 255 -0.07 -10.91 -18.31
N GLU B 256 -0.14 -11.71 -19.36
CA GLU B 256 -1.25 -11.62 -20.30
C GLU B 256 -2.55 -12.02 -19.60
N GLN B 257 -3.64 -11.42 -20.04
CA GLN B 257 -4.97 -11.65 -19.47
C GLN B 257 -5.80 -12.43 -20.48
N VAL B 258 -5.99 -13.72 -20.22
CA VAL B 258 -6.73 -14.59 -21.12
C VAL B 258 -8.23 -14.42 -20.88
N LYS B 259 -9.01 -14.55 -21.95
CA LYS B 259 -10.45 -14.41 -21.86
C LYS B 259 -11.03 -15.43 -20.88
N GLY B 260 -11.74 -14.93 -19.87
CA GLY B 260 -12.35 -15.77 -18.87
C GLY B 260 -11.72 -15.70 -17.49
N MET B 261 -10.53 -15.11 -17.37
CA MET B 261 -9.83 -15.07 -16.10
C MET B 261 -10.09 -13.79 -15.30
N ASP B 262 -10.49 -12.70 -15.96
CA ASP B 262 -10.74 -11.42 -15.31
C ASP B 262 -12.17 -11.00 -15.64
N GLU B 263 -13.09 -11.37 -14.75
CA GLU B 263 -14.50 -11.06 -14.92
C GLU B 263 -14.78 -9.66 -14.37
N VAL B 264 -15.28 -8.78 -15.23
CA VAL B 264 -15.58 -7.39 -14.86
C VAL B 264 -17.08 -7.10 -14.95
N GLY B 265 -17.90 -8.13 -15.12
CA GLY B 265 -19.33 -7.94 -15.22
C GLY B 265 -20.04 -9.24 -15.58
N PRO B 266 -21.33 -9.15 -15.91
CA PRO B 266 -22.08 -10.35 -16.30
C PRO B 266 -21.56 -10.97 -17.59
N ASN B 267 -20.70 -11.98 -17.46
CA ASN B 267 -20.06 -12.64 -18.60
C ASN B 267 -19.28 -11.65 -19.45
N ILE B 268 -18.76 -10.60 -18.84
CA ILE B 268 -17.91 -9.61 -19.49
C ILE B 268 -16.52 -9.72 -18.89
N PHE B 269 -15.52 -9.93 -19.74
CA PHE B 269 -14.17 -10.24 -19.28
C PHE B 269 -13.17 -9.24 -19.85
N GLU B 270 -12.25 -8.80 -19.01
CA GLU B 270 -11.15 -7.94 -19.42
C GLU B 270 -9.99 -8.82 -19.88
N TYR B 271 -9.52 -8.60 -21.10
CA TYR B 271 -8.46 -9.41 -21.67
C TYR B 271 -7.47 -8.52 -22.39
N THR B 272 -6.27 -9.06 -22.62
CA THR B 272 -5.21 -8.32 -23.31
C THR B 272 -5.59 -8.15 -24.77
N MET B 273 -6.00 -6.93 -25.14
CA MET B 273 -6.48 -6.69 -26.50
C MET B 273 -5.33 -6.52 -27.48
N TYR B 274 -4.27 -5.82 -27.09
CA TYR B 274 -3.11 -5.69 -27.95
C TYR B 274 -1.87 -5.53 -27.09
N THR B 275 -0.71 -5.68 -27.73
CA THR B 275 0.59 -5.49 -27.10
C THR B 275 1.46 -4.67 -28.02
N SER B 276 1.92 -3.51 -27.54
CA SER B 276 2.76 -2.62 -28.33
C SER B 276 4.20 -2.68 -27.85
N CYS B 277 5.13 -2.49 -28.78
CA CYS B 277 6.55 -2.50 -28.49
C CYS B 277 7.23 -1.50 -29.41
N MET B 278 7.85 -0.48 -28.84
CA MET B 278 8.37 0.65 -29.60
C MET B 278 9.85 0.82 -29.33
N ASN B 279 10.67 0.66 -30.36
CA ASN B 279 12.11 0.93 -30.27
C ASN B 279 12.33 2.42 -30.18
N LEU B 280 12.85 2.89 -29.04
CA LEU B 280 13.06 4.32 -28.85
C LEU B 280 14.14 4.87 -29.77
N GLU B 281 15.15 4.05 -30.08
CA GLU B 281 16.27 4.52 -30.90
C GLU B 281 15.89 4.64 -32.37
N LYS B 282 15.16 3.66 -32.91
CA LYS B 282 14.86 3.61 -34.33
C LYS B 282 13.44 4.03 -34.67
N GLY B 283 12.61 4.31 -33.68
CA GLY B 283 11.25 4.76 -33.95
C GLY B 283 10.39 3.74 -34.68
N ILE B 284 10.54 2.46 -34.34
CA ILE B 284 9.78 1.38 -34.95
C ILE B 284 8.77 0.86 -33.93
N LEU B 285 7.53 0.67 -34.36
CA LEU B 285 6.46 0.18 -33.51
C LEU B 285 6.15 -1.26 -33.88
N TYR B 286 6.44 -2.19 -32.97
CA TYR B 286 6.04 -3.58 -33.10
C TYR B 286 4.77 -3.81 -32.31
N PHE B 287 3.90 -4.69 -32.83
CA PHE B 287 2.61 -4.90 -32.18
C PHE B 287 2.00 -6.22 -32.63
N ASN B 288 1.15 -6.75 -31.75
CA ASN B 288 0.21 -7.82 -32.11
C ASN B 288 -1.05 -7.60 -31.28
N CYS B 289 -2.02 -8.49 -31.44
CA CYS B 289 -3.28 -8.37 -30.74
C CYS B 289 -3.73 -9.75 -30.27
N TYR B 290 -4.90 -9.80 -29.63
CA TYR B 290 -5.41 -11.07 -29.11
C TYR B 290 -5.69 -12.05 -30.24
N ASP B 291 -6.19 -11.56 -31.38
CA ASP B 291 -6.56 -12.43 -32.47
C ASP B 291 -5.39 -12.78 -33.40
N ASP B 292 -4.36 -11.93 -33.44
CA ASP B 292 -3.21 -12.15 -34.31
C ASP B 292 -1.95 -12.27 -33.46
N SER B 293 -1.43 -13.49 -33.33
CA SER B 293 -0.21 -13.71 -32.57
C SER B 293 1.03 -13.25 -33.32
N ARG B 294 0.94 -13.07 -34.64
CA ARG B 294 2.09 -12.64 -35.42
C ARG B 294 2.40 -11.17 -35.15
N ILE B 295 3.69 -10.85 -35.13
CA ILE B 295 4.15 -9.50 -34.82
C ILE B 295 4.27 -8.70 -36.11
N SER B 296 3.69 -7.51 -36.11
CA SER B 296 3.81 -6.56 -37.22
C SER B 296 4.64 -5.37 -36.79
N ALA B 297 5.12 -4.61 -37.78
CA ALA B 297 6.00 -3.49 -37.52
C ALA B 297 5.66 -2.33 -38.43
N VAL B 298 5.86 -1.11 -37.91
CA VAL B 298 5.68 0.12 -38.67
C VAL B 298 6.83 1.05 -38.33
N ASP B 299 7.59 1.45 -39.36
CA ASP B 299 8.73 2.35 -39.17
C ASP B 299 8.26 3.78 -39.37
N MET B 300 8.39 4.60 -38.31
CA MET B 300 7.98 5.99 -38.39
C MET B 300 8.84 6.77 -39.37
N ASN B 301 10.12 6.42 -39.48
CA ASN B 301 11.04 7.14 -40.35
C ASN B 301 10.91 6.77 -41.82
N LYS B 302 10.13 5.73 -42.15
CA LYS B 302 9.86 5.39 -43.54
C LYS B 302 8.74 6.24 -44.14
N GLU B 303 8.18 7.18 -43.38
CA GLU B 303 7.11 8.05 -43.85
C GLU B 303 7.58 9.50 -43.81
N ASP B 304 6.84 10.35 -44.52
CA ASP B 304 7.17 11.78 -44.56
C ASP B 304 6.78 12.42 -43.24
N LEU B 305 7.78 12.74 -42.42
CA LEU B 305 7.52 13.35 -41.13
C LEU B 305 7.14 14.83 -41.23
N SER B 306 7.50 15.49 -42.33
CA SER B 306 7.13 16.88 -42.53
C SER B 306 5.69 17.05 -43.01
N SER B 307 4.92 15.96 -43.10
CA SER B 307 3.54 16.03 -43.53
C SER B 307 2.69 16.77 -42.50
N SER B 308 1.40 16.93 -42.81
CA SER B 308 0.49 17.69 -41.96
C SER B 308 -0.76 16.90 -41.58
N ASP B 309 -0.82 15.61 -41.91
CA ASP B 309 -2.01 14.80 -41.63
C ASP B 309 -1.59 13.48 -41.01
N LEU B 310 -2.51 12.89 -40.24
CA LEU B 310 -2.23 11.64 -39.56
C LEU B 310 -2.07 10.50 -40.57
N ILE B 311 -1.13 9.61 -40.28
CA ILE B 311 -0.89 8.41 -41.08
C ILE B 311 -1.30 7.21 -40.22
N VAL B 312 -2.37 6.54 -40.60
CA VAL B 312 -2.95 5.48 -39.79
C VAL B 312 -2.71 4.13 -40.45
N PHE B 313 -2.63 3.09 -39.61
CA PHE B 313 -2.50 1.72 -40.07
C PHE B 313 -3.40 0.83 -39.22
N ASP B 314 -3.65 -0.38 -39.73
CA ASP B 314 -4.49 -1.33 -39.01
C ASP B 314 -3.76 -1.91 -37.82
N LEU B 315 -4.42 -1.93 -36.66
CA LEU B 315 -3.87 -2.54 -35.45
C LEU B 315 -4.39 -3.96 -35.26
N PHE B 316 -5.71 -4.12 -35.13
CA PHE B 316 -6.31 -5.43 -34.93
C PHE B 316 -6.40 -6.17 -36.26
N LYS B 317 -5.86 -7.39 -36.30
CA LYS B 317 -5.84 -8.19 -37.51
C LYS B 317 -6.34 -9.60 -37.19
N LYS B 318 -6.65 -10.35 -38.24
CA LYS B 318 -7.01 -11.74 -38.09
C LYS B 318 -5.77 -12.59 -37.82
N GLN B 319 -5.98 -13.83 -37.39
CA GLN B 319 -4.87 -14.73 -37.10
C GLN B 319 -4.13 -15.07 -38.39
N ASP B 320 -2.84 -14.76 -38.43
CA ASP B 320 -2.02 -14.95 -39.64
C ASP B 320 -1.28 -16.27 -39.52
N ILE B 321 -2.00 -17.35 -39.84
CA ILE B 321 -1.43 -18.69 -39.77
C ILE B 321 -0.63 -18.97 -41.04
N SER B 322 0.60 -19.45 -40.88
CA SER B 322 1.42 -19.87 -42.00
C SER B 322 1.26 -21.37 -42.19
N PHE B 323 0.70 -21.77 -43.33
CA PHE B 323 0.42 -23.17 -43.62
C PHE B 323 1.65 -23.80 -44.26
N ILE B 324 2.27 -24.75 -43.55
CA ILE B 324 3.53 -25.32 -44.03
C ILE B 324 3.33 -26.25 -45.21
N ASN B 325 2.13 -26.77 -45.41
CA ASN B 325 1.86 -27.63 -46.57
C ASN B 325 0.46 -27.40 -47.13
#